data_9G2Y
#
_entry.id   9G2Y
#
_cell.length_a   1.00
_cell.length_b   1.00
_cell.length_c   1.00
_cell.angle_alpha   90.00
_cell.angle_beta   90.00
_cell.angle_gamma   90.00
#
_symmetry.space_group_name_H-M   'P 1'
#
loop_
_entity.id
_entity.type
_entity.pdbx_description
1 polymer 'Mycobactin import ATP-binding/permease protein IrtA'
2 polymer 'Mycobactin import ATP-binding/permease protein IrtB'
3 non-polymer "ADENOSINE-5'-DIPHOSPHATE"
#
loop_
_entity_poly.entity_id
_entity_poly.type
_entity_poly.pdbx_seq_one_letter_code
_entity_poly.pdbx_strand_id
1 'polypeptide(L)'
;SRAEAGSRLLAPLKKPLIVSGVLQALITLIELAPFVLLVELARLLLGGAEAERLWTLGLTAVSLIGLGAVLAAAMTLWLH
RVDARFAHELRGRLLTKLSRLPLGWFTRRGSASTKQLVQDDTLALHYLITHAIPDAVAAVVAPVAVLVYLFVADWRVALV
LFIPVLVYLVLMSVMTIQSGSKIAQAPRWAERMGGEAGAFLEGQPVIRIFGGAAASRFRRRLDDYIDFLVSWQRPFVGKK
TLMDLVTRPATFLWIILVAGVPLVVTGRMDPVNLLPFLLLGTTFGARLLGIGYGLSGIQTGMLAARRIQTVLDEPELVVR
DRTGQAGTDHASGDQARPGTVELDRVSFEYRPGVPVIRDVTLTLRPGTVTALVGPSGSGKSTLAALVARFHDVTQGAIRV
DGRDIRTLTADELYRRVGFVLQDAQLVHGSVAENIALAEPDAGLERIRTAARDAQIHDRITRMPDGYDSVLGAGSALSGG
ERQRVTIARAILADTPVLVLDEATAFADPESEYLVQQAINRLTRDRTVLVIAHRLHTITHADQIVVLDDGRIVEVGTHDE
LLAAGGRYRGLWDSGRYSSPDAGRPVSADAVEVGR
;
A
2 'polypeptide(L)'
;MIRTLLRLVPAEKRGAVAGYAVLTLLSVLLRAVGAVLLIPLLAALFSDTPSDAWLWLGWLTAVTLAGWVTDTNTARLGFD
LGFAVLSRTQHDMADRLPNVAMSWFTPDNTATARQAIAATGPELAGLVVNLLTPLIGAALLPAAIGVALLFVSVPLGLAA
LAGVAVLFGALALSGRLSRAADKVAGETNSAFTERIIEFARTQQALRAARRVEPARSQVGSALAAQHGAGLRLLTMQIPG
QVLFSLAGQVALIGFAGMAVWLTVRGQLGVPEAIALIVVLVRYLEPFAAIADLAPALETTRATLNRIQAVLDAPTLPAGR
RRLDRTGAAPSIEFDDVRFSYGDEVVLDGVSFTLRPGNTTAIVGPSGSGKTTILSLIAGLQQPASGRVLLDGVDVTTLDP
EARRAAVSVVFQHPYLFDGTLRDNVLVGDPEADPDDVTAAMRLARVDELLDRLPDGDATVVGEGGTALSGGERQRVSIAR
ALLKPAPVLLVDEATSALDNANEAAVVDALTADPRPRTRVIVAHRLASIRHADRVLFVEAGRVVEDGAIDELLAAGGRFA
QFWAQQQAASEWAIGSTARALEVLFQ
;
B
#
loop_
_chem_comp.id
_chem_comp.type
_chem_comp.name
_chem_comp.formula
ADP non-polymer ADENOSINE-5'-DIPHOSPHATE 'C10 H15 N5 O10 P2'
#
# COMPACT_ATOMS: atom_id res chain seq x y z
N ALA A 3 10.21 -21.11 13.31
CA ALA A 3 10.99 -20.58 12.16
C ALA A 3 12.47 -20.43 12.55
N GLU A 4 13.35 -20.51 11.55
CA GLU A 4 14.78 -20.37 11.76
C GLU A 4 15.23 -18.93 11.56
N ALA A 5 14.68 -18.23 10.56
CA ALA A 5 15.09 -16.86 10.30
C ALA A 5 14.69 -15.93 11.46
N GLY A 6 13.43 -16.00 11.88
CA GLY A 6 12.98 -15.15 12.97
C GLY A 6 13.71 -15.44 14.27
N SER A 7 13.94 -16.72 14.56
CA SER A 7 14.71 -17.08 15.75
C SER A 7 16.13 -16.57 15.67
N ARG A 8 16.74 -16.66 14.48
CA ARG A 8 18.12 -16.17 14.32
C ARG A 8 18.20 -14.67 14.51
N LEU A 9 17.23 -13.92 14.00
CA LEU A 9 17.27 -12.47 14.14
C LEU A 9 17.11 -12.07 15.60
N LEU A 10 16.10 -12.63 16.28
CA LEU A 10 15.86 -12.34 17.70
C LEU A 10 16.63 -13.29 18.61
N ALA A 11 17.94 -13.35 18.40
CA ALA A 11 18.83 -14.11 19.27
C ALA A 11 19.11 -13.37 20.57
N PRO A 12 19.60 -12.12 20.55
CA PRO A 12 19.97 -11.49 21.83
C PRO A 12 18.80 -11.19 22.74
N LEU A 13 17.58 -11.10 22.21
CA LEU A 13 16.39 -10.81 23.02
C LEU A 13 15.69 -12.08 23.50
N LYS A 14 16.42 -13.17 23.68
CA LYS A 14 15.81 -14.37 24.24
C LYS A 14 15.47 -14.17 25.72
N LYS A 15 16.35 -13.54 26.47
CA LYS A 15 16.17 -13.38 27.92
C LYS A 15 15.19 -12.26 28.25
N PRO A 16 15.36 -11.04 27.72
CA PRO A 16 14.39 -9.98 28.02
C PRO A 16 12.96 -10.32 27.65
N LEU A 17 12.74 -11.03 26.54
CA LEU A 17 11.38 -11.39 26.18
C LEU A 17 10.80 -12.39 27.18
N ILE A 18 11.61 -13.33 27.67
CA ILE A 18 11.14 -14.27 28.68
C ILE A 18 10.77 -13.52 29.96
N VAL A 19 11.60 -12.57 30.37
CA VAL A 19 11.32 -11.81 31.58
C VAL A 19 10.06 -10.96 31.41
N SER A 20 9.89 -10.36 30.22
CA SER A 20 8.68 -9.59 29.96
C SER A 20 7.45 -10.49 29.98
N GLY A 21 7.56 -11.70 29.45
CA GLY A 21 6.45 -12.64 29.53
C GLY A 21 6.09 -12.99 30.95
N VAL A 22 7.10 -13.24 31.79
CA VAL A 22 6.85 -13.56 33.19
C VAL A 22 6.17 -12.39 33.89
N LEU A 23 6.65 -11.17 33.64
CA LEU A 23 6.06 -10.01 34.30
C LEU A 23 4.64 -9.73 33.80
N GLN A 24 4.36 -9.96 32.52
CA GLN A 24 2.99 -9.80 32.05
C GLN A 24 2.08 -10.86 32.66
N ALA A 25 2.57 -12.09 32.81
CA ALA A 25 1.78 -13.10 33.50
C ALA A 25 1.48 -12.68 34.93
N LEU A 26 2.48 -12.12 35.61
CA LEU A 26 2.29 -11.65 36.98
C LEU A 26 1.23 -10.54 37.02
N ILE A 27 1.32 -9.58 36.11
CA ILE A 27 0.37 -8.47 36.12
C ILE A 27 -1.04 -8.97 35.81
N THR A 28 -1.17 -9.87 34.84
CA THR A 28 -2.50 -10.38 34.50
C THR A 28 -3.09 -11.14 35.68
N LEU A 29 -2.28 -11.95 36.36
CA LEU A 29 -2.79 -12.63 37.55
C LEU A 29 -3.15 -11.63 38.65
N ILE A 30 -2.45 -10.50 38.72
CA ILE A 30 -2.78 -9.49 39.73
C ILE A 30 -4.11 -8.83 39.39
N GLU A 31 -4.37 -8.57 38.11
CA GLU A 31 -5.60 -7.89 37.73
C GLU A 31 -6.83 -8.80 37.77
N LEU A 32 -6.63 -10.12 37.86
CA LEU A 32 -7.71 -11.05 38.17
C LEU A 32 -7.73 -11.45 39.64
N ALA A 33 -7.02 -10.72 40.50
CA ALA A 33 -7.06 -10.93 41.94
C ALA A 33 -8.28 -10.30 42.59
N PRO A 34 -8.64 -9.04 42.31
CA PRO A 34 -9.82 -8.46 42.98
C PRO A 34 -11.11 -9.23 42.74
N PHE A 35 -11.23 -9.96 41.63
CA PHE A 35 -12.37 -10.84 41.45
C PHE A 35 -12.29 -12.07 42.36
N VAL A 36 -11.16 -12.30 43.03
CA VAL A 36 -11.09 -13.28 44.11
C VAL A 36 -11.35 -12.61 45.46
N LEU A 37 -10.89 -11.37 45.63
CA LEU A 37 -11.11 -10.68 46.89
C LEU A 37 -12.58 -10.32 47.08
N LEU A 38 -13.32 -10.08 45.99
CA LEU A 38 -14.77 -9.90 46.13
C LEU A 38 -15.45 -11.19 46.56
N VAL A 39 -14.96 -12.33 46.07
CA VAL A 39 -15.49 -13.61 46.53
C VAL A 39 -15.24 -13.79 48.02
N GLU A 40 -14.02 -13.47 48.46
CA GLU A 40 -13.73 -13.56 49.90
C GLU A 40 -14.54 -12.54 50.70
N LEU A 41 -14.81 -11.37 50.12
CA LEU A 41 -15.65 -10.38 50.78
C LEU A 41 -17.06 -10.92 50.99
N ALA A 42 -17.62 -11.58 49.96
CA ALA A 42 -18.92 -12.21 50.11
C ALA A 42 -18.87 -13.32 51.16
N ARG A 43 -17.77 -14.08 51.19
CA ARG A 43 -17.62 -15.13 52.19
C ARG A 43 -17.66 -14.54 53.59
N LEU A 44 -16.93 -13.44 53.81
CA LEU A 44 -16.92 -12.79 55.11
C LEU A 44 -18.30 -12.24 55.47
N LEU A 45 -18.99 -11.64 54.51
CA LEU A 45 -20.32 -11.10 54.80
C LEU A 45 -21.29 -12.21 55.18
N LEU A 46 -21.24 -13.34 54.48
CA LEU A 46 -22.06 -14.48 54.89
C LEU A 46 -21.67 -14.98 56.26
N GLY A 47 -20.37 -15.00 56.57
CA GLY A 47 -19.91 -15.39 57.89
C GLY A 47 -20.07 -14.33 58.96
N GLY A 48 -20.47 -13.12 58.59
CA GLY A 48 -20.67 -12.07 59.57
C GLY A 48 -19.40 -11.63 60.27
N ALA A 49 -18.30 -11.46 59.53
CA ALA A 49 -17.05 -11.05 60.13
C ALA A 49 -17.12 -9.59 60.57
N GLU A 50 -16.23 -9.25 61.50
CA GLU A 50 -16.19 -7.90 62.05
C GLU A 50 -15.68 -6.91 61.00
N ALA A 51 -15.85 -5.62 61.30
CA ALA A 51 -15.53 -4.58 60.34
C ALA A 51 -14.04 -4.53 60.02
N GLU A 52 -13.18 -4.89 60.97
CA GLU A 52 -11.74 -4.77 60.75
C GLU A 52 -11.26 -5.77 59.70
N ARG A 53 -11.82 -6.98 59.68
CA ARG A 53 -11.44 -7.94 58.66
C ARG A 53 -11.85 -7.46 57.27
N LEU A 54 -13.04 -6.87 57.16
CA LEU A 54 -13.46 -6.30 55.89
C LEU A 54 -12.60 -5.12 55.49
N TRP A 55 -12.13 -4.33 56.47
CA TRP A 55 -11.17 -3.27 56.17
C TRP A 55 -9.87 -3.86 55.62
N THR A 56 -9.41 -4.96 56.22
CA THR A 56 -8.20 -5.62 55.74
C THR A 56 -8.37 -6.08 54.30
N LEU A 57 -9.50 -6.71 54.00
CA LEU A 57 -9.72 -7.18 52.64
C LEU A 57 -9.84 -6.02 51.64
N GLY A 58 -10.56 -4.96 52.03
CA GLY A 58 -10.73 -3.83 51.14
C GLY A 58 -9.48 -2.99 50.95
N LEU A 59 -8.54 -3.07 51.89
CA LEU A 59 -7.23 -2.44 51.71
C LEU A 59 -6.28 -3.33 50.91
N THR A 60 -6.39 -4.65 51.05
CA THR A 60 -5.63 -5.54 50.19
C THR A 60 -6.05 -5.39 48.74
N ALA A 61 -7.35 -5.20 48.49
CA ALA A 61 -7.83 -5.02 47.13
C ALA A 61 -7.48 -3.65 46.55
N VAL A 62 -6.98 -2.72 47.36
CA VAL A 62 -6.42 -1.47 46.84
C VAL A 62 -4.91 -1.60 46.66
N SER A 63 -4.25 -2.32 47.58
CA SER A 63 -2.82 -2.57 47.42
C SER A 63 -2.54 -3.35 46.15
N LEU A 64 -3.36 -4.37 45.85
CA LEU A 64 -3.10 -5.17 44.65
C LEU A 64 -3.33 -4.37 43.38
N ILE A 65 -4.39 -3.54 43.33
CA ILE A 65 -4.63 -2.75 42.12
C ILE A 65 -3.74 -1.52 42.04
N GLY A 66 -2.99 -1.21 43.09
CA GLY A 66 -1.90 -0.25 42.96
C GLY A 66 -0.64 -0.92 42.48
N LEU A 67 -0.39 -2.13 42.98
CA LEU A 67 0.79 -2.90 42.56
C LEU A 67 0.72 -3.25 41.09
N GLY A 68 -0.46 -3.66 40.62
CA GLY A 68 -0.64 -4.05 39.22
C GLY A 68 -0.72 -2.89 38.25
N ALA A 69 -0.77 -1.66 38.75
CA ALA A 69 -0.65 -0.47 37.92
C ALA A 69 0.72 0.18 38.04
N VAL A 70 1.47 -0.13 39.10
CA VAL A 70 2.86 0.31 39.18
C VAL A 70 3.76 -0.61 38.37
N LEU A 71 3.53 -1.93 38.46
CA LEU A 71 4.35 -2.86 37.67
C LEU A 71 4.13 -2.65 36.18
N ALA A 72 2.88 -2.50 35.75
CA ALA A 72 2.57 -2.41 34.33
C ALA A 72 2.94 -1.07 33.71
N ALA A 73 3.55 -0.16 34.47
CA ALA A 73 4.24 1.00 33.94
C ALA A 73 5.72 1.02 34.30
N ALA A 74 6.16 0.17 35.24
CA ALA A 74 7.56 -0.02 35.56
C ALA A 74 8.13 -1.29 34.97
N MET A 75 7.40 -1.94 34.06
CA MET A 75 7.91 -3.03 33.24
C MET A 75 7.90 -2.67 31.76
N THR A 76 6.78 -2.12 31.28
CA THR A 76 6.71 -1.59 29.93
C THR A 76 7.40 -0.23 29.81
N LEU A 77 8.05 0.24 30.86
CA LEU A 77 9.09 1.25 30.78
C LEU A 77 10.48 0.64 30.62
N TRP A 78 10.71 -0.52 31.22
CA TRP A 78 11.96 -1.24 31.00
C TRP A 78 11.98 -1.91 29.64
N LEU A 79 10.86 -2.51 29.24
CA LEU A 79 10.79 -3.17 27.93
C LEU A 79 11.00 -2.18 26.80
N HIS A 80 10.59 -0.92 26.99
CA HIS A 80 10.80 0.08 25.94
C HIS A 80 12.29 0.35 25.73
N ARG A 81 13.05 0.52 26.81
CA ARG A 81 14.47 0.80 26.62
C ARG A 81 15.25 -0.45 26.21
N VAL A 82 14.76 -1.64 26.58
CA VAL A 82 15.34 -2.86 26.00
C VAL A 82 15.10 -2.89 24.50
N ASP A 83 13.89 -2.52 24.07
CA ASP A 83 13.59 -2.45 22.65
C ASP A 83 14.50 -1.45 21.95
N ALA A 84 14.74 -0.30 22.59
CA ALA A 84 15.65 0.67 21.99
C ALA A 84 17.05 0.09 21.87
N ARG A 85 17.53 -0.57 22.92
CA ARG A 85 18.89 -1.10 22.92
C ARG A 85 19.08 -2.27 21.96
N PHE A 86 18.00 -2.94 21.54
CA PHE A 86 18.11 -3.94 20.48
C PHE A 86 17.87 -3.38 19.09
N ALA A 87 16.87 -2.52 18.93
CA ALA A 87 16.60 -1.95 17.61
C ALA A 87 17.75 -1.07 17.15
N HIS A 88 18.49 -0.45 18.08
CA HIS A 88 19.66 0.29 17.67
C HIS A 88 20.73 -0.62 17.09
N GLU A 89 20.97 -1.77 17.75
CA GLU A 89 21.97 -2.70 17.25
C GLU A 89 21.49 -3.45 16.01
N LEU A 90 20.20 -3.39 15.68
CA LEU A 90 19.72 -3.90 14.40
C LEU A 90 19.82 -2.85 13.29
N ARG A 91 19.46 -1.60 13.57
CA ARG A 91 19.59 -0.56 12.56
C ARG A 91 21.05 -0.33 12.21
N GLY A 92 21.93 -0.27 13.21
CA GLY A 92 23.35 -0.13 12.96
C GLY A 92 24.00 -1.37 12.38
N ARG A 93 23.30 -2.49 12.32
CA ARG A 93 23.76 -3.69 11.61
C ARG A 93 23.32 -3.68 10.16
N LEU A 94 22.05 -3.30 9.92
CA LEU A 94 21.61 -3.12 8.53
C LEU A 94 22.40 -2.04 7.83
N LEU A 95 22.86 -1.02 8.58
CA LEU A 95 23.71 -0.02 7.97
C LEU A 95 25.00 -0.62 7.44
N THR A 96 25.63 -1.51 8.21
CA THR A 96 26.84 -2.16 7.72
C THR A 96 26.53 -3.14 6.60
N LYS A 97 25.36 -3.77 6.63
CA LYS A 97 25.01 -4.72 5.56
C LYS A 97 24.70 -4.00 4.25
N LEU A 98 24.23 -2.76 4.29
CA LEU A 98 23.96 -2.04 3.05
C LEU A 98 25.25 -1.75 2.29
N SER A 99 26.37 -1.56 2.98
CA SER A 99 27.63 -1.25 2.34
C SER A 99 28.41 -2.49 1.92
N ARG A 100 27.77 -3.65 1.88
CA ARG A 100 28.43 -4.88 1.44
C ARG A 100 27.59 -5.74 0.51
N LEU A 101 26.32 -5.41 0.27
CA LEU A 101 25.51 -6.18 -0.66
C LEU A 101 25.95 -5.89 -2.09
N PRO A 102 25.66 -6.79 -3.04
CA PRO A 102 25.91 -6.47 -4.44
C PRO A 102 25.05 -5.30 -4.89
N LEU A 103 25.60 -4.49 -5.80
CA LEU A 103 24.92 -3.29 -6.24
C LEU A 103 23.58 -3.62 -6.91
N GLY A 104 23.51 -4.75 -7.61
CA GLY A 104 22.29 -5.11 -8.30
C GLY A 104 21.14 -5.48 -7.39
N TRP A 105 21.43 -5.86 -6.15
CA TRP A 105 20.36 -6.06 -5.18
C TRP A 105 19.58 -4.78 -4.97
N PHE A 106 20.28 -3.64 -4.91
CA PHE A 106 19.60 -2.36 -4.77
C PHE A 106 18.77 -2.02 -6.00
N THR A 107 19.24 -2.43 -7.18
CA THR A 107 18.39 -2.35 -8.37
C THR A 107 17.21 -3.30 -8.19
N ARG A 108 16.01 -2.76 -8.23
CA ARG A 108 14.83 -3.49 -7.77
C ARG A 108 14.55 -4.68 -8.67
N ARG A 109 14.51 -5.87 -8.07
CA ARG A 109 14.16 -7.11 -8.75
C ARG A 109 12.66 -7.38 -8.73
N GLY A 110 11.83 -6.36 -8.48
CA GLY A 110 10.42 -6.55 -8.27
C GLY A 110 10.04 -6.98 -6.87
N SER A 111 11.00 -7.07 -5.95
CA SER A 111 10.74 -7.50 -4.59
C SER A 111 10.34 -6.29 -3.74
N ALA A 112 10.33 -6.47 -2.41
CA ALA A 112 9.95 -5.39 -1.52
C ALA A 112 10.92 -4.22 -1.63
N SER A 113 10.37 -3.00 -1.56
CA SER A 113 11.17 -1.81 -1.77
C SER A 113 12.18 -1.62 -0.64
N THR A 114 13.16 -0.76 -0.89
CA THR A 114 14.13 -0.43 0.15
C THR A 114 13.48 0.36 1.27
N LYS A 115 12.46 1.16 0.95
CA LYS A 115 11.74 1.91 1.97
C LYS A 115 11.01 0.95 2.92
N GLN A 116 10.13 0.11 2.38
CA GLN A 116 9.32 -0.76 3.22
C GLN A 116 10.19 -1.71 4.02
N LEU A 117 11.14 -2.37 3.34
CA LEU A 117 11.83 -3.54 3.88
C LEU A 117 12.64 -3.24 5.14
N VAL A 118 12.90 -1.97 5.45
CA VAL A 118 13.51 -1.57 6.70
C VAL A 118 12.57 -0.70 7.54
N GLN A 119 11.99 0.34 6.93
CA GLN A 119 11.19 1.28 7.72
C GLN A 119 9.96 0.62 8.32
N ASP A 120 9.22 -0.17 7.53
CA ASP A 120 8.00 -0.77 8.04
C ASP A 120 8.34 -1.94 8.95
N ASP A 121 9.38 -2.70 8.60
CA ASP A 121 9.67 -3.92 9.33
C ASP A 121 10.32 -3.65 10.68
N THR A 122 11.15 -2.60 10.81
CA THR A 122 11.67 -2.26 12.13
C THR A 122 10.55 -1.83 13.06
N LEU A 123 9.59 -1.06 12.55
CA LEU A 123 8.46 -0.64 13.38
C LEU A 123 7.58 -1.84 13.75
N ALA A 124 7.36 -2.75 12.80
CA ALA A 124 6.61 -3.95 13.12
C ALA A 124 7.35 -4.82 14.13
N LEU A 125 8.67 -4.81 14.09
CA LEU A 125 9.44 -5.51 15.12
C LEU A 125 9.31 -4.79 16.47
N HIS A 126 9.26 -3.46 16.46
CA HIS A 126 8.99 -2.72 17.68
C HIS A 126 7.67 -3.16 18.30
N TYR A 127 6.63 -3.28 17.47
CA TYR A 127 5.34 -3.74 17.97
C TYR A 127 5.34 -5.23 18.27
N LEU A 128 6.30 -5.99 17.73
CA LEU A 128 6.45 -7.37 18.17
C LEU A 128 6.99 -7.44 19.58
N ILE A 129 8.01 -6.64 19.88
CA ILE A 129 8.67 -6.71 21.18
C ILE A 129 7.82 -6.04 22.26
N THR A 130 7.44 -4.78 22.05
CA THR A 130 6.82 -4.01 23.11
C THR A 130 5.31 -4.19 23.21
N HIS A 131 4.64 -4.59 22.12
CA HIS A 131 3.19 -4.73 22.10
C HIS A 131 2.73 -6.17 21.89
N ALA A 132 3.18 -6.83 20.82
CA ALA A 132 2.53 -8.08 20.41
C ALA A 132 2.79 -9.20 21.42
N ILE A 133 4.04 -9.40 21.81
CA ILE A 133 4.38 -10.47 22.75
C ILE A 133 3.76 -10.21 24.12
N PRO A 134 3.86 -9.01 24.71
CA PRO A 134 3.16 -8.78 25.99
C PRO A 134 1.65 -8.96 25.90
N ASP A 135 1.02 -8.41 24.86
CA ASP A 135 -0.42 -8.58 24.71
C ASP A 135 -0.77 -10.04 24.50
N ALA A 136 0.08 -10.80 23.80
CA ALA A 136 -0.21 -12.19 23.51
C ALA A 136 -0.07 -13.06 24.75
N VAL A 137 0.98 -12.84 25.54
CA VAL A 137 1.13 -13.61 26.77
C VAL A 137 0.02 -13.25 27.75
N ALA A 138 -0.39 -11.98 27.79
CA ALA A 138 -1.53 -11.61 28.62
C ALA A 138 -2.79 -12.32 28.16
N ALA A 139 -3.06 -12.32 26.85
CA ALA A 139 -4.27 -12.93 26.33
C ALA A 139 -4.23 -14.46 26.40
N VAL A 140 -3.05 -15.05 26.58
CA VAL A 140 -2.94 -16.50 26.71
C VAL A 140 -2.98 -16.92 28.17
N VAL A 141 -2.50 -16.07 29.09
CA VAL A 141 -2.46 -16.42 30.50
C VAL A 141 -3.73 -16.01 31.24
N ALA A 142 -4.47 -15.01 30.74
CA ALA A 142 -5.74 -14.64 31.36
C ALA A 142 -6.74 -15.79 31.27
N PRO A 143 -7.12 -16.26 30.07
CA PRO A 143 -8.15 -17.31 30.02
C PRO A 143 -7.74 -18.63 30.68
N VAL A 144 -6.47 -19.01 30.63
CA VAL A 144 -6.06 -20.25 31.26
C VAL A 144 -6.11 -20.13 32.78
N ALA A 145 -5.70 -18.97 33.31
CA ALA A 145 -5.83 -18.73 34.74
C ALA A 145 -7.29 -18.73 35.16
N VAL A 146 -8.15 -18.12 34.34
CA VAL A 146 -9.58 -18.09 34.63
C VAL A 146 -10.13 -19.51 34.64
N LEU A 147 -9.74 -20.33 33.66
CA LEU A 147 -10.26 -21.68 33.58
C LEU A 147 -9.79 -22.50 34.78
N VAL A 148 -8.54 -22.35 35.18
CA VAL A 148 -8.04 -23.10 36.34
C VAL A 148 -8.75 -22.66 37.61
N TYR A 149 -8.97 -21.35 37.76
CA TYR A 149 -9.69 -20.83 38.92
C TYR A 149 -11.12 -21.38 38.97
N LEU A 150 -11.80 -21.36 37.83
CA LEU A 150 -13.17 -21.84 37.79
C LEU A 150 -13.24 -23.35 38.01
N PHE A 151 -12.20 -24.09 37.59
CA PHE A 151 -12.19 -25.53 37.80
C PHE A 151 -11.93 -25.87 39.26
N VAL A 152 -10.97 -25.20 39.89
CA VAL A 152 -10.69 -25.50 41.29
C VAL A 152 -11.82 -25.03 42.19
N ALA A 153 -12.49 -23.94 41.83
CA ALA A 153 -13.64 -23.48 42.61
C ALA A 153 -14.75 -24.52 42.60
N ASP A 154 -15.28 -24.81 41.41
CA ASP A 154 -16.35 -25.81 41.27
C ASP A 154 -16.20 -26.43 39.87
N TRP A 155 -15.64 -27.63 39.82
CA TRP A 155 -15.41 -28.27 38.53
C TRP A 155 -16.71 -28.64 37.84
N ARG A 156 -17.75 -28.95 38.62
CA ARG A 156 -19.01 -29.40 38.04
C ARG A 156 -19.69 -28.30 37.24
N VAL A 157 -19.62 -27.06 37.72
CA VAL A 157 -20.19 -25.94 36.97
C VAL A 157 -19.23 -25.52 35.87
N ALA A 158 -17.93 -25.62 36.12
CA ALA A 158 -16.95 -25.21 35.11
C ALA A 158 -16.98 -26.13 33.91
N LEU A 159 -17.17 -27.43 34.13
CA LEU A 159 -17.23 -28.38 33.02
C LEU A 159 -18.39 -28.07 32.08
N VAL A 160 -19.47 -27.53 32.62
CA VAL A 160 -20.61 -27.15 31.79
C VAL A 160 -20.25 -26.02 30.84
N LEU A 161 -19.25 -25.21 31.18
CA LEU A 161 -18.83 -24.13 30.30
C LEU A 161 -18.28 -24.65 28.98
N PHE A 162 -17.85 -25.91 28.91
CA PHE A 162 -17.38 -26.46 27.65
C PHE A 162 -18.49 -26.66 26.64
N ILE A 163 -19.75 -26.63 27.06
CA ILE A 163 -20.88 -26.86 26.16
C ILE A 163 -20.90 -25.77 25.08
N PRO A 164 -20.93 -24.48 25.42
CA PRO A 164 -20.82 -23.46 24.36
C PRO A 164 -19.51 -23.55 23.59
N VAL A 165 -18.41 -23.86 24.26
CA VAL A 165 -17.13 -23.99 23.57
C VAL A 165 -17.18 -25.16 22.59
N LEU A 166 -17.72 -26.30 23.04
CA LEU A 166 -17.84 -27.46 22.16
C LEU A 166 -18.72 -27.16 20.97
N VAL A 167 -19.85 -26.48 21.20
CA VAL A 167 -20.75 -26.15 20.10
C VAL A 167 -20.07 -25.22 19.11
N TYR A 168 -19.35 -24.21 19.62
CA TYR A 168 -18.67 -23.27 18.73
C TYR A 168 -17.60 -23.97 17.90
N LEU A 169 -16.79 -24.82 18.53
CA LEU A 169 -15.74 -25.51 17.79
C LEU A 169 -16.32 -26.48 16.78
N VAL A 170 -17.41 -27.18 17.16
CA VAL A 170 -18.03 -28.13 16.25
C VAL A 170 -18.60 -27.40 15.04
N LEU A 171 -19.25 -26.26 15.27
CA LEU A 171 -19.81 -25.51 14.15
C LEU A 171 -18.72 -24.92 13.27
N MET A 172 -17.62 -24.46 13.87
CA MET A 172 -16.51 -23.94 13.06
C MET A 172 -15.90 -25.04 12.20
N SER A 173 -15.73 -26.24 12.79
CA SER A 173 -15.19 -27.36 12.01
C SER A 173 -16.15 -27.76 10.90
N VAL A 174 -17.45 -27.74 11.17
CA VAL A 174 -18.43 -28.07 10.15
C VAL A 174 -18.40 -27.04 9.04
N MET A 175 -18.20 -25.77 9.39
CA MET A 175 -18.23 -24.70 8.39
C MET A 175 -16.98 -24.73 7.51
N THR A 176 -15.80 -24.89 8.12
CA THR A 176 -14.56 -24.79 7.35
C THR A 176 -14.43 -25.94 6.35
N ILE A 177 -14.80 -27.16 6.76
CA ILE A 177 -14.71 -28.30 5.86
C ILE A 177 -15.75 -28.19 4.74
N GLN A 178 -16.93 -27.64 5.06
CA GLN A 178 -17.99 -27.53 4.07
C GLN A 178 -17.70 -26.49 3.00
N SER A 179 -16.67 -25.65 3.19
CA SER A 179 -16.32 -24.60 2.23
C SER A 179 -14.82 -24.57 2.01
N GLY A 180 -14.21 -25.74 1.88
CA GLY A 180 -12.76 -25.80 1.69
C GLY A 180 -12.32 -25.15 0.39
N SER A 181 -13.03 -25.43 -0.70
CA SER A 181 -12.68 -24.83 -1.98
C SER A 181 -12.82 -23.31 -1.94
N LYS A 182 -13.87 -22.82 -1.26
CA LYS A 182 -14.08 -21.38 -1.20
C LYS A 182 -12.96 -20.69 -0.42
N ILE A 183 -12.57 -21.23 0.72
CA ILE A 183 -11.51 -20.61 1.51
C ILE A 183 -10.18 -20.71 0.75
N ALA A 184 -9.96 -21.81 0.03
CA ALA A 184 -8.77 -21.89 -0.81
C ALA A 184 -8.78 -20.82 -1.88
N GLN A 185 -9.94 -20.56 -2.48
CA GLN A 185 -10.05 -19.59 -3.56
C GLN A 185 -10.03 -18.15 -3.07
N ALA A 186 -10.35 -17.92 -1.78
CA ALA A 186 -10.66 -16.56 -1.33
C ALA A 186 -9.50 -15.58 -1.47
N PRO A 187 -8.28 -15.86 -0.97
CA PRO A 187 -7.22 -14.86 -1.14
C PRO A 187 -6.79 -14.68 -2.58
N ARG A 188 -6.86 -15.75 -3.38
CA ARG A 188 -6.50 -15.64 -4.78
C ARG A 188 -7.51 -14.75 -5.53
N TRP A 189 -8.80 -14.90 -5.22
CA TRP A 189 -9.79 -13.99 -5.79
C TRP A 189 -9.55 -12.56 -5.35
N ALA A 190 -9.15 -12.36 -4.08
CA ALA A 190 -8.87 -11.03 -3.59
C ALA A 190 -7.73 -10.40 -4.37
N GLU A 191 -6.66 -11.16 -4.60
CA GLU A 191 -5.54 -10.64 -5.37
C GLU A 191 -5.94 -10.39 -6.82
N ARG A 192 -6.77 -11.26 -7.39
CA ARG A 192 -7.19 -11.08 -8.78
C ARG A 192 -8.01 -9.81 -8.94
N MET A 193 -8.93 -9.55 -8.02
CA MET A 193 -9.72 -8.31 -8.12
C MET A 193 -8.90 -7.09 -7.73
N GLY A 194 -7.87 -7.26 -6.89
CA GLY A 194 -6.93 -6.16 -6.70
C GLY A 194 -6.23 -5.79 -7.99
N GLY A 195 -5.75 -6.80 -8.73
CA GLY A 195 -5.14 -6.54 -10.02
C GLY A 195 -6.12 -5.96 -11.03
N GLU A 196 -7.36 -6.45 -11.01
CA GLU A 196 -8.37 -5.91 -11.90
C GLU A 196 -8.66 -4.45 -11.59
N ALA A 197 -8.73 -4.11 -10.30
CA ALA A 197 -8.90 -2.71 -9.91
C ALA A 197 -7.71 -1.88 -10.34
N GLY A 198 -6.50 -2.43 -10.21
CA GLY A 198 -5.33 -1.72 -10.67
C GLY A 198 -5.37 -1.43 -12.15
N ALA A 199 -5.77 -2.41 -12.95
CA ALA A 199 -5.90 -2.20 -14.39
C ALA A 199 -7.00 -1.20 -14.72
N PHE A 200 -8.13 -1.30 -14.02
CA PHE A 200 -9.24 -0.37 -14.24
C PHE A 200 -8.83 1.06 -13.93
N LEU A 201 -8.14 1.26 -12.81
CA LEU A 201 -7.74 2.60 -12.41
C LEU A 201 -6.64 3.15 -13.31
N GLU A 202 -5.62 2.32 -13.59
CA GLU A 202 -4.52 2.78 -14.45
C GLU A 202 -4.98 2.93 -15.89
N GLY A 203 -5.90 2.08 -16.35
CA GLY A 203 -6.44 2.18 -17.69
C GLY A 203 -7.71 2.99 -17.75
N GLN A 204 -7.84 3.98 -16.87
CA GLN A 204 -9.06 4.78 -16.80
C GLN A 204 -9.38 5.54 -18.08
N PRO A 205 -8.46 6.30 -18.68
CA PRO A 205 -8.85 7.13 -19.84
C PRO A 205 -9.38 6.34 -21.02
N VAL A 206 -8.85 5.14 -21.28
CA VAL A 206 -9.40 4.31 -22.36
C VAL A 206 -10.84 3.95 -22.07
N ILE A 207 -11.14 3.58 -20.82
CA ILE A 207 -12.51 3.24 -20.42
C ILE A 207 -13.40 4.47 -20.53
N ARG A 208 -12.86 5.65 -20.23
CA ARG A 208 -13.67 6.86 -20.25
C ARG A 208 -13.96 7.33 -21.67
N ILE A 209 -13.04 7.08 -22.61
CA ILE A 209 -13.10 7.69 -23.93
C ILE A 209 -13.56 6.68 -24.98
N PHE A 210 -13.25 5.40 -24.78
CA PHE A 210 -13.71 4.32 -25.65
C PHE A 210 -14.77 3.45 -25.01
N GLY A 211 -14.56 3.06 -23.75
CA GLY A 211 -15.56 2.25 -23.06
C GLY A 211 -15.71 0.89 -23.73
N GLY A 212 -16.96 0.51 -23.96
CA GLY A 212 -17.25 -0.75 -24.61
C GLY A 212 -16.82 -1.92 -23.75
N ALA A 213 -15.95 -2.77 -24.31
CA ALA A 213 -15.53 -3.98 -23.60
C ALA A 213 -14.73 -3.63 -22.34
N ALA A 214 -13.87 -2.61 -22.42
CA ALA A 214 -13.02 -2.27 -21.29
C ALA A 214 -13.83 -1.82 -20.08
N ALA A 215 -14.83 -0.98 -20.30
CA ALA A 215 -15.66 -0.50 -19.19
C ALA A 215 -16.43 -1.64 -18.55
N SER A 216 -17.02 -2.52 -19.36
CA SER A 216 -17.86 -3.59 -18.84
C SER A 216 -17.06 -4.76 -18.28
N ARG A 217 -15.79 -4.89 -18.63
CA ARG A 217 -14.99 -5.99 -18.10
C ARG A 217 -14.85 -5.87 -16.59
N PHE A 218 -14.55 -4.67 -16.09
CA PHE A 218 -14.42 -4.48 -14.65
C PHE A 218 -15.74 -4.76 -13.95
N ARG A 219 -16.84 -4.27 -14.50
CA ARG A 219 -18.13 -4.48 -13.85
C ARG A 219 -18.49 -5.96 -13.82
N ARG A 220 -18.23 -6.69 -14.91
CA ARG A 220 -18.52 -8.11 -14.93
C ARG A 220 -17.65 -8.87 -13.92
N ARG A 221 -16.36 -8.55 -13.86
CA ARG A 221 -15.49 -9.25 -12.92
C ARG A 221 -15.86 -8.92 -11.47
N LEU A 222 -16.22 -7.66 -11.20
CA LEU A 222 -16.66 -7.27 -9.88
C LEU A 222 -17.94 -7.99 -9.49
N ASP A 223 -18.88 -8.10 -10.43
CA ASP A 223 -20.12 -8.83 -10.14
C ASP A 223 -19.83 -10.30 -9.89
N ASP A 224 -18.87 -10.88 -10.61
CA ASP A 224 -18.49 -12.26 -10.34
C ASP A 224 -17.91 -12.40 -8.94
N TYR A 225 -17.08 -11.45 -8.52
CA TYR A 225 -16.51 -11.50 -7.18
C TYR A 225 -17.59 -11.40 -6.12
N ILE A 226 -18.53 -10.47 -6.31
CA ILE A 226 -19.59 -10.28 -5.33
C ILE A 226 -20.49 -11.51 -5.29
N ASP A 227 -20.75 -12.11 -6.45
CA ASP A 227 -21.53 -13.35 -6.47
C ASP A 227 -20.80 -14.47 -5.77
N PHE A 228 -19.47 -14.54 -5.91
CA PHE A 228 -18.69 -15.54 -5.19
C PHE A 228 -18.82 -15.36 -3.68
N LEU A 229 -18.66 -14.11 -3.22
CA LEU A 229 -18.79 -13.84 -1.78
C LEU A 229 -20.19 -14.19 -1.29
N VAL A 230 -21.22 -13.81 -2.05
CA VAL A 230 -22.59 -14.06 -1.62
C VAL A 230 -22.87 -15.55 -1.58
N SER A 231 -22.42 -16.29 -2.60
CA SER A 231 -22.63 -17.73 -2.61
C SER A 231 -21.84 -18.43 -1.52
N TRP A 232 -20.72 -17.83 -1.08
CA TRP A 232 -19.92 -18.46 -0.03
C TRP A 232 -20.51 -18.22 1.35
N GLN A 233 -20.92 -16.98 1.65
CA GLN A 233 -21.35 -16.62 2.99
C GLN A 233 -22.83 -16.87 3.22
N ARG A 234 -23.68 -16.55 2.24
CA ARG A 234 -25.12 -16.67 2.43
C ARG A 234 -25.62 -18.07 2.79
N PRO A 235 -25.04 -19.18 2.36
CA PRO A 235 -25.55 -20.49 2.82
C PRO A 235 -25.13 -20.88 4.23
N PHE A 236 -24.50 -19.99 5.01
CA PHE A 236 -24.07 -20.29 6.37
C PHE A 236 -24.57 -19.27 7.39
N VAL A 237 -25.73 -18.64 7.15
CA VAL A 237 -26.27 -17.72 8.15
C VAL A 237 -26.70 -18.48 9.40
N GLY A 238 -27.44 -19.56 9.20
CA GLY A 238 -27.90 -20.35 10.34
C GLY A 238 -26.76 -20.92 11.15
N LYS A 239 -25.66 -21.29 10.49
CA LYS A 239 -24.47 -21.72 11.21
C LYS A 239 -23.88 -20.56 12.01
N LYS A 240 -23.56 -19.47 11.32
CA LYS A 240 -22.75 -18.41 11.93
C LYS A 240 -23.48 -17.73 13.07
N THR A 241 -24.78 -17.46 12.90
CA THR A 241 -25.54 -16.84 14.00
C THR A 241 -25.60 -17.77 15.21
N LEU A 242 -25.73 -19.07 14.98
CA LEU A 242 -25.73 -20.01 16.09
C LEU A 242 -24.37 -20.04 16.77
N MET A 243 -23.28 -19.88 16.01
CA MET A 243 -21.97 -19.76 16.64
C MET A 243 -21.89 -18.50 17.49
N ASP A 244 -22.44 -17.40 16.99
CA ASP A 244 -22.32 -16.12 17.69
C ASP A 244 -23.09 -16.14 19.01
N LEU A 245 -24.23 -16.81 19.04
CA LEU A 245 -25.05 -16.86 20.25
C LEU A 245 -24.31 -17.54 21.40
N VAL A 246 -23.76 -18.73 21.16
CA VAL A 246 -23.25 -19.56 22.25
C VAL A 246 -22.01 -18.97 22.92
N THR A 247 -21.36 -17.99 22.30
CA THR A 247 -20.22 -17.33 22.92
C THR A 247 -20.63 -16.17 23.82
N ARG A 248 -21.84 -15.64 23.66
CA ARG A 248 -22.18 -14.37 24.26
C ARG A 248 -22.18 -14.45 25.78
N PRO A 249 -21.94 -13.34 26.49
CA PRO A 249 -22.04 -13.38 27.96
C PRO A 249 -23.42 -13.76 28.47
N ALA A 250 -24.48 -13.39 27.76
CA ALA A 250 -25.83 -13.70 28.24
C ALA A 250 -26.08 -15.20 28.27
N THR A 251 -25.67 -15.91 27.22
CA THR A 251 -25.87 -17.36 27.21
C THR A 251 -25.02 -18.05 28.27
N PHE A 252 -23.80 -17.59 28.49
CA PHE A 252 -22.99 -18.13 29.57
C PHE A 252 -23.64 -17.88 30.91
N LEU A 253 -24.19 -16.68 31.11
CA LEU A 253 -24.87 -16.35 32.36
C LEU A 253 -26.05 -17.28 32.60
N TRP A 254 -26.87 -17.47 31.57
CA TRP A 254 -28.03 -18.35 31.70
C TRP A 254 -27.59 -19.78 31.97
N ILE A 255 -26.55 -20.25 31.28
CA ILE A 255 -26.10 -21.63 31.46
C ILE A 255 -25.54 -21.83 32.87
N ILE A 256 -24.75 -20.87 33.34
CA ILE A 256 -24.17 -20.98 34.68
C ILE A 256 -25.28 -21.00 35.71
N LEU A 257 -26.28 -20.12 35.56
CA LEU A 257 -27.35 -20.06 36.55
C LEU A 257 -28.19 -21.32 36.52
N VAL A 258 -28.51 -21.84 35.33
CA VAL A 258 -29.30 -23.07 35.25
C VAL A 258 -28.50 -24.26 35.76
N ALA A 259 -27.17 -24.18 35.71
CA ALA A 259 -26.33 -25.27 36.22
C ALA A 259 -26.13 -25.20 37.72
N GLY A 260 -26.11 -24.00 38.29
CA GLY A 260 -25.81 -23.81 39.70
C GLY A 260 -27.02 -23.71 40.61
N VAL A 261 -28.09 -23.06 40.14
CA VAL A 261 -29.28 -22.89 40.97
C VAL A 261 -29.87 -24.23 41.39
N PRO A 262 -30.03 -25.23 40.50
CA PRO A 262 -30.40 -26.57 40.98
C PRO A 262 -29.41 -27.12 41.99
N LEU A 263 -28.12 -26.88 41.80
CA LEU A 263 -27.12 -27.38 42.73
C LEU A 263 -27.24 -26.68 44.07
N VAL A 264 -27.42 -25.36 44.06
CA VAL A 264 -27.47 -24.58 45.30
C VAL A 264 -28.73 -24.93 46.08
N VAL A 265 -29.88 -24.93 45.40
CA VAL A 265 -31.15 -25.12 46.09
C VAL A 265 -31.24 -26.54 46.65
N THR A 266 -30.74 -27.52 45.91
CA THR A 266 -30.70 -28.89 46.42
C THR A 266 -29.68 -29.08 47.53
N GLY A 267 -28.79 -28.11 47.76
CA GLY A 267 -27.80 -28.23 48.80
C GLY A 267 -26.57 -29.01 48.40
N ARG A 268 -26.29 -29.12 47.10
CA ARG A 268 -25.16 -29.90 46.60
C ARG A 268 -23.87 -29.11 46.51
N MET A 269 -23.88 -27.81 46.79
CA MET A 269 -22.66 -27.02 46.78
C MET A 269 -22.88 -25.77 47.62
N ASP A 270 -21.83 -25.31 48.27
CA ASP A 270 -21.91 -24.10 49.07
C ASP A 270 -22.20 -22.92 48.15
N PRO A 271 -23.18 -22.07 48.47
CA PRO A 271 -23.66 -21.10 47.47
C PRO A 271 -22.62 -20.10 47.02
N VAL A 272 -21.67 -19.74 47.89
CA VAL A 272 -20.66 -18.73 47.54
C VAL A 272 -19.66 -19.23 46.51
N ASN A 273 -19.61 -20.54 46.26
CA ASN A 273 -18.73 -21.05 45.20
C ASN A 273 -19.24 -20.70 43.81
N LEU A 274 -20.49 -20.27 43.67
CA LEU A 274 -21.03 -19.86 42.38
C LEU A 274 -20.67 -18.41 42.03
N LEU A 275 -20.23 -17.62 43.01
CA LEU A 275 -19.89 -16.22 42.74
C LEU A 275 -18.73 -16.05 41.77
N PRO A 276 -17.62 -16.83 41.86
CA PRO A 276 -16.56 -16.67 40.85
C PRO A 276 -17.02 -16.86 39.42
N PHE A 277 -17.95 -17.78 39.16
CA PHE A 277 -18.42 -17.98 37.79
C PHE A 277 -19.21 -16.78 37.31
N LEU A 278 -20.06 -16.22 38.17
CA LEU A 278 -20.81 -15.03 37.79
C LEU A 278 -19.87 -13.85 37.55
N LEU A 279 -18.76 -13.80 38.29
CA LEU A 279 -17.82 -12.69 38.12
C LEU A 279 -17.01 -12.85 36.84
N LEU A 280 -16.40 -14.01 36.64
CA LEU A 280 -15.42 -14.24 35.59
C LEU A 280 -15.98 -15.09 34.44
N GLY A 281 -16.61 -16.22 34.78
CA GLY A 281 -16.99 -17.19 33.76
C GLY A 281 -17.97 -16.64 32.74
N THR A 282 -18.71 -15.59 33.09
CA THR A 282 -19.63 -14.98 32.14
C THR A 282 -18.90 -14.32 30.98
N THR A 283 -17.63 -13.93 31.15
CA THR A 283 -16.83 -13.37 30.06
C THR A 283 -15.76 -14.37 29.60
N PHE A 284 -15.90 -15.65 29.97
CA PHE A 284 -14.96 -16.66 29.52
C PHE A 284 -15.00 -16.81 28.01
N GLY A 285 -16.21 -16.77 27.45
CA GLY A 285 -16.34 -16.94 26.00
C GLY A 285 -15.71 -15.81 25.20
N ALA A 286 -15.90 -14.57 25.66
CA ALA A 286 -15.42 -13.42 24.92
C ALA A 286 -13.94 -13.13 25.13
N ARG A 287 -13.24 -13.93 25.94
CA ARG A 287 -11.80 -13.83 26.11
C ARG A 287 -11.05 -14.84 25.26
N LEU A 288 -11.59 -16.06 25.13
CA LEU A 288 -10.99 -17.04 24.22
C LEU A 288 -11.01 -16.53 22.78
N LEU A 289 -12.02 -15.72 22.43
CA LEU A 289 -12.09 -15.12 21.11
C LEU A 289 -11.02 -14.06 20.88
N GLY A 290 -10.30 -13.65 21.93
CA GLY A 290 -9.22 -12.69 21.80
C GLY A 290 -7.82 -13.29 21.67
N ILE A 291 -7.68 -14.60 21.86
CA ILE A 291 -6.38 -15.24 21.70
C ILE A 291 -5.91 -15.11 20.25
N GLY A 292 -6.84 -15.29 19.31
CA GLY A 292 -6.48 -15.24 17.90
C GLY A 292 -5.88 -13.91 17.49
N TYR A 293 -6.40 -12.81 18.03
CA TYR A 293 -5.88 -11.50 17.67
C TYR A 293 -4.44 -11.33 18.15
N GLY A 294 -4.15 -11.77 19.38
CA GLY A 294 -2.79 -11.67 19.88
C GLY A 294 -1.81 -12.53 19.10
N LEU A 295 -2.20 -13.77 18.81
CA LEU A 295 -1.31 -14.62 18.01
C LEU A 295 -1.16 -14.06 16.60
N SER A 296 -2.20 -13.42 16.06
CA SER A 296 -2.07 -12.77 14.76
C SER A 296 -1.08 -11.61 14.81
N GLY A 297 -1.10 -10.85 15.90
CA GLY A 297 -0.10 -9.80 16.07
C GLY A 297 1.31 -10.36 16.12
N ILE A 298 1.50 -11.46 16.85
CA ILE A 298 2.82 -12.10 16.90
C ILE A 298 3.24 -12.54 15.50
N GLN A 299 2.32 -13.15 14.75
CA GLN A 299 2.67 -13.62 13.41
C GLN A 299 3.02 -12.46 12.48
N THR A 300 2.26 -11.36 12.56
CA THR A 300 2.54 -10.21 11.72
C THR A 300 3.90 -9.60 12.07
N GLY A 301 4.26 -9.60 13.35
CA GLY A 301 5.59 -9.15 13.72
C GLY A 301 6.68 -10.07 13.20
N MET A 302 6.47 -11.39 13.30
CA MET A 302 7.47 -12.33 12.84
C MET A 302 7.66 -12.26 11.33
N LEU A 303 6.62 -11.86 10.58
CA LEU A 303 6.79 -11.64 9.15
C LEU A 303 7.84 -10.57 8.89
N ALA A 304 7.76 -9.44 9.60
CA ALA A 304 8.76 -8.38 9.45
C ALA A 304 10.13 -8.84 9.93
N ALA A 305 10.16 -9.63 11.01
CA ALA A 305 11.43 -10.16 11.49
C ALA A 305 12.11 -11.00 10.41
N ARG A 306 11.35 -11.90 9.77
CA ARG A 306 11.91 -12.70 8.69
C ARG A 306 12.31 -11.83 7.51
N ARG A 307 11.53 -10.80 7.21
CA ARG A 307 11.86 -9.95 6.06
C ARG A 307 13.17 -9.21 6.28
N ILE A 308 13.43 -8.72 7.49
CA ILE A 308 14.72 -8.10 7.76
C ILE A 308 15.82 -9.15 7.79
N GLN A 309 15.53 -10.34 8.32
CA GLN A 309 16.56 -11.37 8.43
C GLN A 309 17.05 -11.81 7.05
N THR A 310 16.13 -11.95 6.09
CA THR A 310 16.52 -12.38 4.76
C THR A 310 17.46 -11.38 4.11
N VAL A 311 17.24 -10.08 4.36
CA VAL A 311 18.13 -9.05 3.82
C VAL A 311 19.54 -9.23 4.39
N LEU A 312 19.63 -9.51 5.70
CA LEU A 312 20.93 -9.68 6.33
C LEU A 312 21.63 -10.97 5.94
N ASP A 313 20.94 -11.89 5.24
CA ASP A 313 21.49 -13.19 4.88
C ASP A 313 21.88 -13.30 3.40
N GLU A 314 21.63 -12.26 2.60
CA GLU A 314 22.00 -12.32 1.20
C GLU A 314 23.54 -12.25 1.06
N PRO A 315 24.10 -12.79 -0.03
CA PRO A 315 25.55 -12.81 -0.14
C PRO A 315 26.13 -11.42 -0.32
N GLU A 316 27.38 -11.27 0.13
CA GLU A 316 28.10 -10.01 0.01
C GLU A 316 28.92 -9.97 -1.27
N LEU A 317 29.37 -8.77 -1.63
CA LEU A 317 30.21 -8.57 -2.81
C LEU A 317 31.63 -8.99 -2.44
N VAL A 318 31.97 -10.24 -2.76
CA VAL A 318 33.24 -10.80 -2.30
C VAL A 318 34.40 -10.20 -3.09
N VAL A 319 35.59 -10.29 -2.50
CA VAL A 319 36.83 -9.87 -3.14
C VAL A 319 37.85 -10.98 -2.93
N ARG A 320 38.56 -11.33 -4.01
CA ARG A 320 39.52 -12.43 -4.02
C ARG A 320 40.94 -11.91 -4.18
N ASP A 321 41.90 -12.79 -3.93
CA ASP A 321 43.32 -12.47 -4.07
C ASP A 321 43.73 -11.33 -3.14
N PRO A 338 46.42 -0.14 -19.36
CA PRO A 338 46.17 0.95 -20.31
C PRO A 338 44.69 1.14 -20.64
N GLY A 339 43.80 0.50 -19.88
CA GLY A 339 42.38 0.52 -20.15
C GLY A 339 41.86 -0.67 -20.93
N THR A 340 42.66 -1.71 -21.12
CA THR A 340 42.21 -2.89 -21.84
C THR A 340 41.14 -3.64 -21.03
N VAL A 341 40.14 -4.14 -21.75
CA VAL A 341 39.04 -4.91 -21.17
C VAL A 341 39.00 -6.25 -21.87
N GLU A 342 38.85 -7.32 -21.10
CA GLU A 342 38.80 -8.67 -21.63
C GLU A 342 37.66 -9.43 -20.98
N LEU A 343 36.86 -10.12 -21.80
CA LEU A 343 35.73 -10.92 -21.35
C LEU A 343 35.84 -12.29 -22.01
N ASP A 344 35.73 -13.34 -21.20
CA ASP A 344 36.00 -14.71 -21.64
C ASP A 344 34.90 -15.64 -21.15
N ARG A 345 34.03 -16.07 -22.06
CA ARG A 345 33.09 -17.17 -21.81
C ARG A 345 32.19 -16.90 -20.60
N VAL A 346 31.75 -15.66 -20.45
CA VAL A 346 30.94 -15.29 -19.31
C VAL A 346 29.53 -15.81 -19.50
N SER A 347 28.95 -16.33 -18.41
CA SER A 347 27.55 -16.71 -18.37
C SER A 347 26.98 -16.31 -17.02
N PHE A 348 25.82 -15.66 -17.04
CA PHE A 348 25.19 -15.15 -15.83
C PHE A 348 23.71 -15.52 -15.82
N GLU A 349 23.19 -15.82 -14.63
CA GLU A 349 21.77 -16.10 -14.43
C GLU A 349 21.29 -15.31 -13.23
N TYR A 350 20.18 -14.58 -13.39
CA TYR A 350 19.59 -13.87 -12.27
C TYR A 350 19.14 -14.84 -11.18
N ARG A 351 18.53 -15.94 -11.59
CA ARG A 351 18.12 -17.04 -10.72
C ARG A 351 18.54 -18.34 -11.38
N PRO A 352 18.77 -19.41 -10.61
CA PRO A 352 19.33 -20.63 -11.21
C PRO A 352 18.37 -21.26 -12.21
N GLY A 353 18.93 -21.82 -13.27
CA GLY A 353 18.15 -22.41 -14.33
C GLY A 353 17.58 -21.44 -15.34
N VAL A 354 17.95 -20.16 -15.27
CA VAL A 354 17.43 -19.14 -16.18
C VAL A 354 18.61 -18.33 -16.72
N PRO A 355 19.41 -18.85 -17.65
CA PRO A 355 20.48 -18.04 -18.24
C PRO A 355 19.94 -16.84 -18.99
N VAL A 356 20.67 -15.74 -18.91
CA VAL A 356 20.38 -14.52 -19.66
C VAL A 356 21.60 -14.14 -20.49
N ILE A 357 22.79 -14.53 -20.03
CA ILE A 357 24.02 -14.45 -20.82
C ILE A 357 24.68 -15.81 -20.76
N ARG A 358 25.23 -16.26 -21.89
CA ARG A 358 25.74 -17.62 -22.00
C ARG A 358 26.95 -17.65 -22.94
N ASP A 359 28.12 -17.89 -22.37
CA ASP A 359 29.32 -18.27 -23.12
C ASP A 359 29.75 -17.20 -24.13
N VAL A 360 29.46 -15.94 -23.83
CA VAL A 360 29.89 -14.86 -24.71
C VAL A 360 31.38 -14.57 -24.50
N THR A 361 31.99 -13.93 -25.49
CA THR A 361 33.41 -13.62 -25.46
C THR A 361 33.65 -12.31 -26.20
N LEU A 362 34.52 -11.47 -25.65
CA LEU A 362 34.78 -10.16 -26.21
C LEU A 362 36.14 -9.67 -25.73
N THR A 363 36.64 -8.64 -26.42
CA THR A 363 37.90 -8.01 -26.07
C THR A 363 37.89 -6.59 -26.64
N LEU A 364 38.37 -5.63 -25.84
CA LEU A 364 38.34 -4.22 -26.20
C LEU A 364 39.74 -3.65 -26.09
N ARG A 365 40.17 -2.95 -27.14
CA ARG A 365 41.45 -2.27 -27.13
C ARG A 365 41.36 -1.00 -26.29
N PRO A 366 42.49 -0.47 -25.81
CA PRO A 366 42.44 0.78 -25.04
C PRO A 366 41.95 1.93 -25.90
N GLY A 367 41.14 2.81 -25.29
CA GLY A 367 40.62 3.96 -26.01
C GLY A 367 39.56 3.65 -27.03
N THR A 368 39.03 2.42 -27.04
CA THR A 368 38.06 2.01 -28.04
C THR A 368 36.64 2.19 -27.52
N VAL A 369 35.66 1.85 -28.36
CA VAL A 369 34.25 1.90 -28.01
C VAL A 369 33.60 0.62 -28.51
N THR A 370 32.61 0.12 -27.76
CA THR A 370 31.91 -1.09 -28.11
C THR A 370 30.44 -0.94 -27.73
N ALA A 371 29.56 -1.44 -28.60
CA ALA A 371 28.12 -1.31 -28.44
C ALA A 371 27.46 -2.68 -28.48
N LEU A 372 26.41 -2.84 -27.69
CA LEU A 372 25.59 -4.05 -27.66
C LEU A 372 24.20 -3.70 -28.18
N VAL A 373 23.78 -4.39 -29.23
CA VAL A 373 22.54 -4.07 -29.93
C VAL A 373 21.61 -5.28 -29.89
N GLY A 374 20.31 -5.02 -29.96
CA GLY A 374 19.31 -6.06 -30.01
C GLY A 374 18.01 -5.60 -29.36
N PRO A 375 16.83 -5.87 -29.98
CA PRO A 375 15.58 -5.46 -29.35
C PRO A 375 15.09 -6.46 -28.30
N SER A 376 15.53 -7.72 -28.42
CA SER A 376 15.12 -8.75 -27.49
C SER A 376 15.77 -8.62 -26.11
N GLY A 377 16.73 -7.70 -25.94
CA GLY A 377 17.48 -7.59 -24.72
C GLY A 377 18.66 -8.53 -24.71
N SER A 378 18.39 -9.83 -24.51
CA SER A 378 19.43 -10.86 -24.55
C SER A 378 20.54 -10.59 -23.54
N GLY A 379 20.19 -9.98 -22.41
CA GLY A 379 21.17 -9.64 -21.41
C GLY A 379 22.12 -8.54 -21.80
N LYS A 380 21.69 -7.61 -22.67
CA LYS A 380 22.56 -6.50 -23.04
C LYS A 380 22.83 -5.59 -21.84
N SER A 381 21.77 -5.17 -21.15
CA SER A 381 21.96 -4.38 -19.93
C SER A 381 22.65 -5.21 -18.86
N THR A 382 22.28 -6.50 -18.76
CA THR A 382 22.95 -7.37 -17.82
C THR A 382 24.43 -7.53 -18.15
N LEU A 383 24.75 -7.69 -19.44
CA LEU A 383 26.14 -7.83 -19.84
C LEU A 383 26.93 -6.57 -19.53
N ALA A 384 26.35 -5.40 -19.78
CA ALA A 384 27.03 -4.15 -19.45
C ALA A 384 27.23 -4.02 -17.94
N ALA A 385 26.20 -4.33 -17.16
CA ALA A 385 26.30 -4.21 -15.71
C ALA A 385 27.32 -5.17 -15.14
N LEU A 386 27.48 -6.35 -15.75
CA LEU A 386 28.45 -7.32 -15.24
C LEU A 386 29.89 -6.84 -15.40
N VAL A 387 30.13 -5.85 -16.26
CA VAL A 387 31.49 -5.29 -16.37
C VAL A 387 31.88 -4.60 -15.07
N ALA A 388 30.96 -3.83 -14.48
CA ALA A 388 31.17 -3.21 -13.18
C ALA A 388 30.78 -4.12 -12.02
N ARG A 389 30.60 -5.42 -12.28
CA ARG A 389 30.24 -6.44 -11.29
C ARG A 389 29.09 -6.01 -10.39
N PHE A 390 27.99 -5.58 -11.02
CA PHE A 390 26.74 -5.48 -10.28
C PHE A 390 26.33 -6.84 -9.73
N HIS A 391 26.69 -7.92 -10.44
CA HIS A 391 26.63 -9.26 -9.91
C HIS A 391 27.88 -10.00 -10.37
N ASP A 392 28.19 -11.11 -9.69
CA ASP A 392 29.31 -11.95 -10.07
C ASP A 392 28.88 -12.92 -11.15
N VAL A 393 29.76 -13.12 -12.14
CA VAL A 393 29.47 -14.05 -13.22
C VAL A 393 29.41 -15.47 -12.65
N THR A 394 28.36 -16.21 -13.04
CA THR A 394 28.28 -17.59 -12.61
C THR A 394 29.36 -18.45 -13.24
N GLN A 395 29.81 -18.08 -14.44
CA GLN A 395 30.91 -18.76 -15.11
C GLN A 395 31.68 -17.75 -15.94
N GLY A 396 32.89 -18.12 -16.32
CA GLY A 396 33.75 -17.22 -17.07
C GLY A 396 34.44 -16.22 -16.16
N ALA A 397 35.04 -15.21 -16.80
CA ALA A 397 35.76 -14.18 -16.06
C ALA A 397 35.78 -12.90 -16.88
N ILE A 398 35.97 -11.79 -16.18
CA ILE A 398 36.15 -10.46 -16.79
C ILE A 398 37.42 -9.88 -16.22
N ARG A 399 38.28 -9.36 -17.09
CA ARG A 399 39.57 -8.80 -16.70
C ARG A 399 39.73 -7.41 -17.28
N VAL A 400 40.21 -6.48 -16.45
CA VAL A 400 40.50 -5.11 -16.84
C VAL A 400 41.99 -4.89 -16.65
N ASP A 401 42.68 -4.58 -17.75
CA ASP A 401 44.13 -4.41 -17.74
C ASP A 401 44.85 -5.66 -17.24
N GLY A 402 44.27 -6.84 -17.51
CA GLY A 402 44.86 -8.10 -17.12
C GLY A 402 44.45 -8.61 -15.75
N ARG A 403 43.85 -7.77 -14.92
CA ARG A 403 43.44 -8.15 -13.57
C ARG A 403 41.97 -8.52 -13.55
N ASP A 404 41.66 -9.69 -12.99
CA ASP A 404 40.27 -10.11 -12.86
C ASP A 404 39.53 -9.17 -11.93
N ILE A 405 38.32 -8.78 -12.33
CA ILE A 405 37.53 -7.79 -11.59
C ILE A 405 37.17 -8.28 -10.20
N ARG A 406 37.17 -9.60 -9.97
CA ARG A 406 36.88 -10.12 -8.64
C ARG A 406 37.87 -9.60 -7.60
N THR A 407 39.11 -9.31 -8.00
CA THR A 407 40.19 -9.02 -7.08
C THR A 407 40.45 -7.53 -6.88
N LEU A 408 39.58 -6.66 -7.40
CA LEU A 408 39.76 -5.21 -7.29
C LEU A 408 38.75 -4.68 -6.29
N THR A 409 39.26 -4.19 -5.15
CA THR A 409 38.40 -3.56 -4.17
C THR A 409 37.87 -2.23 -4.71
N ALA A 410 36.89 -1.66 -3.99
CA ALA A 410 36.24 -0.45 -4.45
C ALA A 410 37.19 0.74 -4.53
N ASP A 411 38.29 0.71 -3.77
CA ASP A 411 39.27 1.80 -3.86
C ASP A 411 39.96 1.84 -5.21
N GLU A 412 40.02 0.71 -5.92
CA GLU A 412 40.66 0.60 -7.22
C GLU A 412 39.68 0.25 -8.34
N LEU A 413 38.68 -0.57 -8.04
CA LEU A 413 37.77 -1.06 -9.08
C LEU A 413 37.03 0.10 -9.74
N TYR A 414 36.39 0.94 -8.94
CA TYR A 414 35.49 1.97 -9.46
C TYR A 414 36.20 3.28 -9.75
N ARG A 415 37.51 3.36 -9.55
CA ARG A 415 38.32 4.35 -10.25
C ARG A 415 38.91 3.79 -11.54
N ARG A 416 38.97 2.47 -11.68
CA ARG A 416 39.25 1.88 -12.99
C ARG A 416 38.02 1.89 -13.88
N VAL A 417 36.84 1.67 -13.30
CA VAL A 417 35.59 1.47 -14.05
C VAL A 417 34.57 2.45 -13.49
N GLY A 418 34.44 3.62 -14.12
CA GLY A 418 33.45 4.60 -13.74
C GLY A 418 32.22 4.53 -14.63
N PHE A 419 31.14 3.91 -14.13
CA PHE A 419 29.96 3.64 -14.94
C PHE A 419 28.91 4.72 -14.72
N VAL A 420 28.05 4.90 -15.73
CA VAL A 420 26.87 5.74 -15.64
C VAL A 420 25.74 5.03 -16.40
N LEU A 421 24.80 4.48 -15.66
CA LEU A 421 23.63 3.81 -16.23
C LEU A 421 22.40 4.72 -16.07
N GLN A 422 21.25 4.18 -16.44
CA GLN A 422 19.99 4.92 -16.32
C GLN A 422 19.63 5.13 -14.86
N ASP A 423 18.80 6.15 -14.62
CA ASP A 423 18.29 6.47 -13.29
C ASP A 423 19.44 6.82 -12.35
N ALA A 424 20.16 7.87 -12.70
CA ALA A 424 21.26 8.34 -11.87
C ALA A 424 20.73 8.85 -10.53
N GLN A 425 21.47 8.54 -9.47
CA GLN A 425 21.08 8.87 -8.11
C GLN A 425 21.94 10.01 -7.59
N LEU A 426 21.29 11.03 -7.04
CA LEU A 426 21.94 12.26 -6.61
C LEU A 426 22.09 12.27 -5.09
N VAL A 427 23.27 12.63 -4.62
CA VAL A 427 23.56 12.71 -3.20
C VAL A 427 23.16 14.09 -2.69
N HIS A 428 22.88 14.18 -1.39
CA HIS A 428 22.46 15.44 -0.79
C HIS A 428 23.69 16.28 -0.44
N GLY A 429 23.69 17.53 -0.86
CA GLY A 429 24.76 18.44 -0.55
C GLY A 429 24.89 19.50 -1.62
N SER A 430 25.96 20.29 -1.50
CA SER A 430 26.24 21.32 -2.48
C SER A 430 26.52 20.69 -3.85
N VAL A 431 26.10 21.38 -4.90
CA VAL A 431 26.33 20.89 -6.25
C VAL A 431 27.82 20.76 -6.53
N ALA A 432 28.62 21.68 -6.00
CA ALA A 432 30.08 21.57 -6.15
C ALA A 432 30.59 20.29 -5.50
N GLU A 433 30.07 19.96 -4.32
CA GLU A 433 30.37 18.66 -3.72
C GLU A 433 29.81 17.52 -4.56
N ASN A 434 28.62 17.70 -5.11
CA ASN A 434 27.94 16.61 -5.80
C ASN A 434 28.65 16.19 -7.09
N ILE A 435 29.52 17.03 -7.63
CA ILE A 435 30.38 16.57 -8.73
C ILE A 435 31.60 15.85 -8.18
N ALA A 436 32.01 16.16 -6.95
CA ALA A 436 33.33 15.78 -6.44
C ALA A 436 33.28 14.63 -5.44
N LEU A 437 32.27 13.77 -5.53
CA LEU A 437 32.28 12.57 -4.69
C LEU A 437 33.48 11.69 -5.00
N ALA A 438 33.79 11.52 -6.29
CA ALA A 438 34.94 10.71 -6.66
C ALA A 438 36.27 11.40 -6.34
N GLU A 439 36.25 12.71 -6.08
CA GLU A 439 37.47 13.46 -5.85
C GLU A 439 37.17 14.72 -5.06
N PRO A 440 36.87 14.62 -3.76
CA PRO A 440 36.50 15.83 -2.99
C PRO A 440 37.60 16.87 -2.91
N ASP A 441 38.85 16.51 -3.16
CA ASP A 441 39.95 17.46 -3.17
C ASP A 441 40.00 18.29 -4.45
N ALA A 442 39.11 18.06 -5.41
CA ALA A 442 39.11 18.84 -6.63
C ALA A 442 38.83 20.31 -6.36
N GLY A 443 39.55 21.18 -7.06
CA GLY A 443 39.37 22.60 -6.89
C GLY A 443 38.13 23.12 -7.59
N LEU A 444 37.81 24.39 -7.31
CA LEU A 444 36.65 25.01 -7.92
C LEU A 444 36.81 25.11 -9.43
N GLU A 445 38.01 25.48 -9.90
CA GLU A 445 38.24 25.54 -11.34
C GLU A 445 38.13 24.16 -11.96
N ARG A 446 38.62 23.13 -11.27
CA ARG A 446 38.51 21.76 -11.79
C ARG A 446 37.06 21.34 -11.92
N ILE A 447 36.25 21.66 -10.89
CA ILE A 447 34.83 21.31 -10.93
C ILE A 447 34.13 22.07 -12.05
N ARG A 448 34.47 23.35 -12.23
CA ARG A 448 33.87 24.14 -13.30
C ARG A 448 34.22 23.57 -14.67
N THR A 449 35.48 23.17 -14.86
CA THR A 449 35.87 22.59 -16.14
C THR A 449 35.16 21.26 -16.37
N ALA A 450 35.00 20.45 -15.32
CA ALA A 450 34.25 19.21 -15.47
C ALA A 450 32.80 19.50 -15.84
N ALA A 451 32.20 20.51 -15.23
CA ALA A 451 30.82 20.87 -15.53
C ALA A 451 30.66 21.32 -16.98
N ARG A 452 31.58 22.18 -17.44
CA ARG A 452 31.48 22.65 -18.83
C ARG A 452 31.80 21.54 -19.81
N ASP A 453 32.63 20.58 -19.42
CA ASP A 453 32.81 19.38 -20.24
C ASP A 453 31.51 18.60 -20.32
N ALA A 454 30.77 18.52 -19.21
CA ALA A 454 29.48 17.86 -19.19
C ALA A 454 28.34 18.75 -19.69
N GLN A 455 28.61 20.02 -20.01
CA GLN A 455 27.58 20.94 -20.49
C GLN A 455 26.46 21.11 -19.48
N ILE A 456 26.83 21.17 -18.19
CA ILE A 456 25.91 21.43 -17.09
C ILE A 456 26.16 22.78 -16.44
N HIS A 457 27.19 23.51 -16.86
CA HIS A 457 27.51 24.81 -16.26
C HIS A 457 26.34 25.78 -16.38
N ASP A 458 25.57 25.69 -17.46
CA ASP A 458 24.52 26.67 -17.73
C ASP A 458 23.44 26.64 -16.65
N ARG A 459 22.91 25.45 -16.34
CA ARG A 459 21.84 25.37 -15.36
C ARG A 459 22.33 25.74 -13.96
N ILE A 460 23.56 25.35 -13.62
CA ILE A 460 24.11 25.70 -12.31
C ILE A 460 24.25 27.21 -12.19
N THR A 461 24.73 27.87 -13.25
CA THR A 461 24.77 29.32 -13.25
C THR A 461 23.37 29.92 -13.16
N ARG A 462 22.38 29.24 -13.75
CA ARG A 462 21.00 29.70 -13.65
C ARG A 462 20.41 29.48 -12.26
N MET A 463 20.93 28.51 -11.51
CA MET A 463 20.37 28.22 -10.19
C MET A 463 20.73 29.38 -9.25
N PRO A 464 19.87 29.68 -8.27
CA PRO A 464 19.98 30.99 -7.58
C PRO A 464 21.29 31.20 -6.84
N ASP A 465 21.85 30.16 -6.25
CA ASP A 465 23.08 30.26 -5.45
C ASP A 465 24.30 29.72 -6.20
N GLY A 466 24.19 29.45 -7.50
CA GLY A 466 25.35 29.04 -8.27
C GLY A 466 25.90 27.71 -7.79
N TYR A 467 27.23 27.62 -7.71
CA TYR A 467 27.89 26.39 -7.29
C TYR A 467 27.73 26.12 -5.80
N ASP A 468 27.31 27.11 -5.01
CA ASP A 468 27.01 26.91 -3.60
C ASP A 468 25.66 26.21 -3.38
N SER A 469 24.82 26.15 -4.41
CA SER A 469 23.46 25.65 -4.25
C SER A 469 23.44 24.20 -3.76
N VAL A 470 22.52 23.91 -2.84
CA VAL A 470 22.36 22.56 -2.33
C VAL A 470 21.48 21.75 -3.28
N LEU A 471 21.62 20.43 -3.21
CA LEU A 471 20.81 19.51 -3.98
C LEU A 471 20.45 18.32 -3.09
N GLY A 472 19.55 17.48 -3.59
CA GLY A 472 19.15 16.30 -2.86
C GLY A 472 17.92 15.68 -3.47
N ALA A 473 17.24 14.86 -2.66
CA ALA A 473 16.01 14.22 -3.11
C ALA A 473 14.96 15.25 -3.47
N GLY A 474 14.80 16.28 -2.65
CA GLY A 474 13.95 17.40 -2.97
C GLY A 474 14.73 18.50 -3.68
N SER A 475 14.66 18.53 -5.00
CA SER A 475 15.39 19.51 -5.79
C SER A 475 14.65 19.75 -7.10
N ALA A 476 14.93 20.88 -7.71
CA ALA A 476 14.25 21.31 -8.93
C ALA A 476 14.89 20.77 -10.20
N LEU A 477 16.08 20.18 -10.11
CA LEU A 477 16.75 19.68 -11.31
C LEU A 477 15.98 18.49 -11.90
N SER A 478 15.88 18.48 -13.23
CA SER A 478 15.15 17.43 -13.93
C SER A 478 16.02 16.20 -14.11
N GLY A 479 15.47 15.20 -14.79
CA GLY A 479 16.21 13.96 -15.00
C GLY A 479 17.44 14.16 -15.87
N GLY A 480 17.29 14.90 -16.97
CA GLY A 480 18.42 15.15 -17.84
C GLY A 480 19.51 15.97 -17.18
N GLU A 481 19.10 16.98 -16.41
CA GLU A 481 20.09 17.79 -15.69
C GLU A 481 20.85 16.95 -14.67
N ARG A 482 20.14 16.08 -13.94
CA ARG A 482 20.81 15.21 -12.99
C ARG A 482 21.74 14.23 -13.71
N GLN A 483 21.33 13.74 -14.88
CA GLN A 483 22.19 12.85 -15.64
C GLN A 483 23.46 13.57 -16.08
N ARG A 484 23.35 14.81 -16.54
CA ARG A 484 24.53 15.59 -16.89
C ARG A 484 25.40 15.86 -15.67
N VAL A 485 24.77 16.06 -14.50
CA VAL A 485 25.52 16.21 -13.26
C VAL A 485 26.34 14.95 -12.99
N THR A 486 25.72 13.79 -13.16
CA THR A 486 26.45 12.54 -12.95
C THR A 486 27.56 12.36 -13.98
N ILE A 487 27.34 12.82 -15.22
CA ILE A 487 28.41 12.76 -16.21
C ILE A 487 29.58 13.64 -15.77
N ALA A 488 29.28 14.83 -15.23
CA ALA A 488 30.35 15.68 -14.70
C ALA A 488 31.09 14.98 -13.57
N ARG A 489 30.35 14.28 -12.70
CA ARG A 489 30.97 13.53 -11.62
C ARG A 489 31.91 12.47 -12.18
N ALA A 490 31.46 11.73 -13.20
CA ALA A 490 32.31 10.73 -13.82
C ALA A 490 33.53 11.36 -14.49
N ILE A 491 33.37 12.57 -15.04
CA ILE A 491 34.50 13.28 -15.62
C ILE A 491 35.54 13.57 -14.56
N LEU A 492 35.09 14.05 -13.39
CA LEU A 492 36.03 14.28 -12.30
C LEU A 492 36.63 12.98 -11.77
N ALA A 493 35.90 11.87 -11.91
CA ALA A 493 36.42 10.58 -11.44
C ALA A 493 37.66 10.18 -12.21
N ASP A 494 37.67 10.40 -13.53
CA ASP A 494 38.78 10.06 -14.41
C ASP A 494 39.07 8.56 -14.32
N THR A 495 38.09 7.80 -14.85
CA THR A 495 38.18 6.35 -14.92
C THR A 495 38.52 5.93 -16.35
N PRO A 496 39.60 5.18 -16.60
CA PRO A 496 39.89 4.83 -18.01
C PRO A 496 38.84 3.94 -18.64
N VAL A 497 38.46 2.86 -17.96
CA VAL A 497 37.38 1.99 -18.43
C VAL A 497 36.04 2.61 -18.02
N LEU A 498 35.03 2.40 -18.85
CA LEU A 498 33.69 2.93 -18.58
C LEU A 498 32.65 1.88 -18.92
N VAL A 499 31.44 2.10 -18.40
CA VAL A 499 30.25 1.39 -18.81
C VAL A 499 29.14 2.42 -18.97
N LEU A 500 28.35 2.29 -20.02
CA LEU A 500 27.37 3.30 -20.39
C LEU A 500 26.11 2.62 -20.90
N ASP A 501 24.99 3.34 -20.79
CA ASP A 501 23.72 2.95 -21.38
C ASP A 501 23.28 4.06 -22.32
N GLU A 502 22.99 3.70 -23.57
CA GLU A 502 22.53 4.69 -24.53
C GLU A 502 21.15 5.25 -24.18
N ALA A 503 20.40 4.58 -23.29
CA ALA A 503 19.09 5.09 -22.89
C ALA A 503 19.18 6.47 -22.23
N THR A 504 20.33 6.81 -21.66
CA THR A 504 20.49 8.16 -21.12
C THR A 504 20.52 9.21 -22.23
N ALA A 505 20.83 8.81 -23.47
CA ALA A 505 20.79 9.76 -24.57
C ALA A 505 19.38 10.30 -24.78
N PHE A 506 18.44 9.41 -25.10
CA PHE A 506 17.06 9.78 -25.37
C PHE A 506 16.18 9.70 -24.12
N ALA A 507 16.77 9.73 -22.93
CA ALA A 507 15.97 9.81 -21.71
C ALA A 507 15.20 11.12 -21.64
N ASP A 508 15.86 12.22 -22.02
CA ASP A 508 15.24 13.55 -22.06
C ASP A 508 15.50 14.15 -23.44
N PRO A 509 14.52 14.15 -24.36
CA PRO A 509 14.79 14.72 -25.69
C PRO A 509 15.22 16.18 -25.66
N GLU A 510 14.71 16.98 -24.72
CA GLU A 510 15.12 18.38 -24.64
C GLU A 510 16.60 18.50 -24.30
N SER A 511 17.09 17.68 -23.39
CA SER A 511 18.49 17.67 -22.99
C SER A 511 19.34 16.71 -23.82
N GLU A 512 18.78 16.16 -24.90
CA GLU A 512 19.52 15.16 -25.67
C GLU A 512 20.77 15.74 -26.31
N TYR A 513 20.72 17.01 -26.73
CA TYR A 513 21.91 17.64 -27.31
C TYR A 513 23.02 17.76 -26.27
N LEU A 514 22.71 18.33 -25.11
CA LEU A 514 23.74 18.51 -24.09
C LEU A 514 24.23 17.18 -23.55
N VAL A 515 23.32 16.23 -23.34
CA VAL A 515 23.72 14.90 -22.89
C VAL A 515 24.60 14.23 -23.94
N GLN A 516 24.27 14.42 -25.21
CA GLN A 516 25.09 13.86 -26.29
C GLN A 516 26.50 14.44 -26.27
N GLN A 517 26.59 15.77 -26.12
CA GLN A 517 27.91 16.40 -26.06
C GLN A 517 28.70 15.90 -24.86
N ALA A 518 28.04 15.78 -23.71
CA ALA A 518 28.71 15.30 -22.51
C ALA A 518 29.21 13.86 -22.69
N ILE A 519 28.37 13.00 -23.28
CA ILE A 519 28.76 11.61 -23.49
C ILE A 519 29.92 11.53 -24.48
N ASN A 520 29.89 12.33 -25.55
CA ASN A 520 30.98 12.34 -26.50
C ASN A 520 32.27 12.81 -25.87
N ARG A 521 32.20 13.84 -25.02
CA ARG A 521 33.38 14.31 -24.32
C ARG A 521 33.93 13.22 -23.40
N LEU A 522 33.04 12.53 -22.68
CA LEU A 522 33.48 11.49 -21.75
C LEU A 522 34.12 10.31 -22.49
N THR A 523 33.54 9.91 -23.63
CA THR A 523 33.95 8.70 -24.32
C THR A 523 35.22 8.91 -25.16
N ARG A 524 35.58 10.15 -25.46
CA ARG A 524 36.59 10.43 -26.49
C ARG A 524 37.94 9.81 -26.15
N ASP A 525 38.45 10.09 -24.95
CA ASP A 525 39.79 9.70 -24.55
C ASP A 525 39.83 8.42 -23.72
N ARG A 526 38.69 7.74 -23.57
CA ARG A 526 38.55 6.66 -22.58
C ARG A 526 37.88 5.45 -23.21
N THR A 527 38.24 4.28 -22.69
CA THR A 527 37.61 3.03 -23.11
C THR A 527 36.16 2.99 -22.60
N VAL A 528 35.24 2.61 -23.49
CA VAL A 528 33.81 2.61 -23.18
C VAL A 528 33.18 1.34 -23.72
N LEU A 529 32.24 0.78 -22.97
CA LEU A 529 31.36 -0.29 -23.40
C LEU A 529 29.93 0.20 -23.22
N VAL A 530 29.10 0.05 -24.25
CA VAL A 530 27.81 0.74 -24.35
C VAL A 530 26.70 -0.27 -24.58
N ILE A 531 25.56 -0.03 -23.94
CA ILE A 531 24.30 -0.70 -24.27
C ILE A 531 23.65 0.14 -25.36
N ALA A 532 23.47 -0.43 -26.55
CA ALA A 532 22.91 0.29 -27.69
C ALA A 532 21.51 -0.22 -27.98
N HIS A 533 20.56 0.71 -28.10
CA HIS A 533 19.19 0.42 -28.51
C HIS A 533 18.87 0.96 -29.89
N ARG A 534 19.14 2.25 -30.12
CA ARG A 534 18.90 2.86 -31.42
C ARG A 534 20.02 2.48 -32.37
N LEU A 535 19.66 1.89 -33.52
CA LEU A 535 20.68 1.41 -34.45
C LEU A 535 21.33 2.55 -35.23
N HIS A 536 20.64 3.68 -35.38
CA HIS A 536 21.17 4.81 -36.14
C HIS A 536 22.20 5.63 -35.36
N THR A 537 22.44 5.32 -34.09
CA THR A 537 23.34 6.09 -33.25
C THR A 537 24.73 5.47 -33.12
N ILE A 538 25.03 4.41 -33.88
CA ILE A 538 26.31 3.71 -33.81
C ILE A 538 26.77 3.46 -35.24
N THR A 539 27.74 4.25 -35.71
CA THR A 539 28.36 4.06 -37.02
C THR A 539 29.88 4.06 -36.95
N HIS A 540 30.48 4.81 -36.02
CA HIS A 540 31.92 4.89 -35.88
C HIS A 540 32.47 4.04 -34.75
N ALA A 541 31.64 3.27 -34.06
CA ALA A 541 32.14 2.41 -32.98
C ALA A 541 33.04 1.32 -33.56
N ASP A 542 34.13 1.05 -32.85
CA ASP A 542 35.17 0.16 -33.39
C ASP A 542 34.73 -1.30 -33.42
N GLN A 543 33.73 -1.68 -32.62
CA GLN A 543 33.27 -3.07 -32.61
C GLN A 543 31.82 -3.08 -32.11
N ILE A 544 30.89 -3.28 -33.03
CA ILE A 544 29.48 -3.42 -32.69
C ILE A 544 29.22 -4.89 -32.38
N VAL A 545 28.41 -5.14 -31.34
CA VAL A 545 28.07 -6.49 -30.91
C VAL A 545 26.55 -6.60 -30.86
N VAL A 546 26.05 -7.81 -31.13
CA VAL A 546 24.63 -8.11 -31.12
C VAL A 546 24.42 -9.38 -30.31
N LEU A 547 23.46 -9.35 -29.40
CA LEU A 547 23.12 -10.48 -28.54
C LEU A 547 21.68 -10.89 -28.80
N ASP A 548 21.45 -12.19 -28.97
CA ASP A 548 20.12 -12.73 -29.12
C ASP A 548 20.09 -14.11 -28.49
N ASP A 549 18.93 -14.46 -27.93
CA ASP A 549 18.78 -15.71 -27.17
C ASP A 549 19.72 -15.76 -25.97
N GLY A 550 20.04 -14.59 -25.42
CA GLY A 550 20.95 -14.52 -24.29
C GLY A 550 22.34 -15.05 -24.60
N ARG A 551 22.84 -14.79 -25.80
CA ARG A 551 24.16 -15.27 -26.19
C ARG A 551 24.63 -14.51 -27.42
N ILE A 552 25.93 -14.63 -27.70
CA ILE A 552 26.52 -13.98 -28.87
C ILE A 552 26.08 -14.71 -30.13
N VAL A 553 25.75 -13.94 -31.17
CA VAL A 553 25.33 -14.48 -32.46
C VAL A 553 26.18 -13.95 -33.60
N GLU A 554 26.46 -12.64 -33.63
CA GLU A 554 27.33 -12.03 -34.62
C GLU A 554 28.16 -10.94 -33.96
N VAL A 555 29.26 -10.58 -34.62
CA VAL A 555 30.14 -9.52 -34.14
C VAL A 555 30.83 -8.90 -35.35
N GLY A 556 31.07 -7.60 -35.28
CA GLY A 556 31.72 -6.89 -36.35
C GLY A 556 31.38 -5.42 -36.29
N THR A 557 32.01 -4.66 -37.20
CA THR A 557 31.74 -3.24 -37.27
C THR A 557 30.41 -2.98 -37.96
N HIS A 558 29.98 -1.72 -37.94
CA HIS A 558 28.70 -1.35 -38.55
C HIS A 558 28.71 -1.62 -40.05
N ASP A 559 29.76 -1.16 -40.74
CA ASP A 559 29.85 -1.37 -42.19
C ASP A 559 30.00 -2.85 -42.52
N GLU A 560 30.86 -3.56 -41.79
CA GLU A 560 31.06 -4.98 -42.05
C GLU A 560 29.80 -5.78 -41.78
N LEU A 561 29.08 -5.45 -40.70
CA LEU A 561 27.85 -6.16 -40.41
C LEU A 561 26.78 -5.86 -41.45
N LEU A 562 26.71 -4.62 -41.93
CA LEU A 562 25.77 -4.29 -43.00
C LEU A 562 26.10 -5.07 -44.26
N ALA A 563 27.39 -5.16 -44.61
CA ALA A 563 27.78 -5.93 -45.80
C ALA A 563 27.51 -7.41 -45.61
N ALA A 564 27.60 -7.92 -44.38
CA ALA A 564 27.33 -9.32 -44.12
C ALA A 564 25.86 -9.66 -44.36
N GLY A 565 24.95 -8.69 -44.20
CA GLY A 565 23.54 -8.97 -44.36
C GLY A 565 22.98 -9.88 -43.29
N GLY A 566 23.44 -9.73 -42.06
CA GLY A 566 23.00 -10.56 -40.96
C GLY A 566 21.81 -9.98 -40.22
N ARG A 567 21.73 -10.28 -38.92
CA ARG A 567 20.62 -9.80 -38.11
C ARG A 567 20.64 -8.28 -37.97
N TYR A 568 21.83 -7.68 -37.89
CA TYR A 568 21.91 -6.23 -37.77
C TYR A 568 21.33 -5.55 -39.01
N ARG A 569 21.62 -6.09 -40.20
CA ARG A 569 21.07 -5.51 -41.42
C ARG A 569 19.55 -5.60 -41.43
N GLY A 570 18.99 -6.74 -41.01
CA GLY A 570 17.55 -6.86 -40.95
C GLY A 570 16.92 -5.90 -39.96
N LEU A 571 17.53 -5.76 -38.78
CA LEU A 571 17.01 -4.84 -37.78
C LEU A 571 17.07 -3.40 -38.27
N TRP A 572 18.18 -3.02 -38.92
CA TRP A 572 18.29 -1.65 -39.43
C TRP A 572 17.30 -1.40 -40.55
N ASP A 573 17.08 -2.39 -41.42
CA ASP A 573 16.08 -2.24 -42.47
C ASP A 573 14.68 -2.11 -41.88
N SER A 574 14.42 -2.83 -40.77
CA SER A 574 13.16 -2.66 -40.07
C SER A 574 13.01 -1.23 -39.55
N GLY A 575 14.08 -0.67 -39.02
CA GLY A 575 14.08 0.71 -38.57
C GLY A 575 14.24 1.69 -39.71
N ILE B 2 -22.02 6.92 12.94
CA ILE B 2 -21.40 7.81 11.93
C ILE B 2 -22.36 7.93 10.74
N ARG B 3 -22.42 9.13 10.17
CA ARG B 3 -23.41 9.42 9.13
C ARG B 3 -23.16 8.59 7.88
N THR B 4 -21.90 8.41 7.49
CA THR B 4 -21.59 7.71 6.25
C THR B 4 -22.07 6.26 6.28
N LEU B 5 -21.93 5.60 7.44
CA LEU B 5 -22.38 4.22 7.56
C LEU B 5 -23.88 4.11 7.31
N LEU B 6 -24.64 5.14 7.71
CA LEU B 6 -26.05 5.19 7.35
C LEU B 6 -26.24 5.47 5.87
N ARG B 7 -25.46 6.40 5.31
CA ARG B 7 -25.62 6.78 3.91
C ARG B 7 -25.31 5.61 2.97
N LEU B 8 -24.45 4.68 3.40
CA LEU B 8 -24.17 3.51 2.59
C LEU B 8 -25.35 2.55 2.49
N VAL B 9 -26.37 2.72 3.32
CA VAL B 9 -27.51 1.79 3.29
C VAL B 9 -28.23 1.92 1.95
N PRO B 10 -28.69 0.83 1.32
CA PRO B 10 -29.58 1.00 0.18
C PRO B 10 -30.89 1.63 0.61
N ALA B 11 -31.48 2.41 -0.30
CA ALA B 11 -32.75 3.07 -0.02
C ALA B 11 -33.89 2.07 0.13
N GLU B 12 -33.75 0.86 -0.41
CA GLU B 12 -34.82 -0.13 -0.35
C GLU B 12 -34.94 -0.78 1.02
N LYS B 13 -33.87 -0.82 1.80
CA LYS B 13 -33.82 -1.55 3.06
C LYS B 13 -34.08 -0.66 4.28
N ARG B 14 -34.78 0.47 4.09
CA ARG B 14 -35.10 1.31 5.23
C ARG B 14 -36.00 0.57 6.22
N GLY B 15 -36.98 -0.18 5.72
CA GLY B 15 -37.80 -1.03 6.56
C GLY B 15 -37.06 -2.23 7.12
N ALA B 16 -35.83 -2.46 6.68
CA ALA B 16 -34.94 -3.43 7.30
C ALA B 16 -34.06 -2.80 8.37
N VAL B 17 -33.54 -1.59 8.11
CA VAL B 17 -32.72 -0.92 9.11
C VAL B 17 -33.55 -0.54 10.33
N ALA B 18 -34.79 -0.08 10.11
CA ALA B 18 -35.64 0.27 11.24
C ALA B 18 -35.92 -0.96 12.11
N GLY B 19 -36.22 -2.08 11.47
CA GLY B 19 -36.41 -3.32 12.21
C GLY B 19 -35.15 -3.75 12.94
N TYR B 20 -33.99 -3.55 12.32
CA TYR B 20 -32.74 -3.88 12.97
C TYR B 20 -32.55 -3.06 14.24
N ALA B 21 -32.79 -1.75 14.15
CA ALA B 21 -32.64 -0.89 15.33
C ALA B 21 -33.62 -1.28 16.43
N VAL B 22 -34.88 -1.54 16.04
CA VAL B 22 -35.89 -1.88 17.04
C VAL B 22 -35.53 -3.19 17.73
N LEU B 23 -35.14 -4.21 16.96
CA LEU B 23 -34.82 -5.49 17.58
C LEU B 23 -33.50 -5.43 18.32
N THR B 24 -32.60 -4.51 17.98
CA THR B 24 -31.38 -4.34 18.76
C THR B 24 -31.69 -3.73 20.12
N LEU B 25 -32.54 -2.70 20.16
CA LEU B 25 -32.95 -2.16 21.45
C LEU B 25 -33.73 -3.21 22.25
N LEU B 26 -34.53 -4.03 21.57
CA LEU B 26 -35.25 -5.10 22.27
C LEU B 26 -34.28 -6.13 22.83
N SER B 27 -33.22 -6.45 22.09
CA SER B 27 -32.20 -7.36 22.61
C SER B 27 -31.51 -6.77 23.83
N VAL B 28 -31.24 -5.46 23.79
CA VAL B 28 -30.60 -4.81 24.92
C VAL B 28 -31.50 -4.86 26.15
N LEU B 29 -32.79 -4.61 25.96
CA LEU B 29 -33.74 -4.55 27.07
C LEU B 29 -34.27 -5.92 27.48
N LEU B 30 -33.84 -7.02 26.85
CA LEU B 30 -34.11 -8.36 27.34
C LEU B 30 -32.87 -9.06 27.88
N ARG B 31 -31.75 -8.34 28.03
CA ARG B 31 -30.60 -8.86 28.77
C ARG B 31 -30.19 -7.87 29.85
N ALA B 32 -30.41 -6.58 29.61
CA ALA B 32 -30.29 -5.60 30.69
C ALA B 32 -31.28 -5.90 31.80
N VAL B 33 -32.54 -6.17 31.42
CA VAL B 33 -33.52 -6.66 32.39
C VAL B 33 -33.16 -8.07 32.82
N GLY B 34 -32.53 -8.84 31.92
CA GLY B 34 -32.03 -10.15 32.30
C GLY B 34 -30.86 -10.10 33.27
N ALA B 35 -30.16 -8.96 33.34
CA ALA B 35 -29.09 -8.78 34.31
C ALA B 35 -29.64 -8.28 35.64
N VAL B 36 -30.49 -7.25 35.60
CA VAL B 36 -31.08 -6.72 36.82
C VAL B 36 -31.97 -7.76 37.50
N LEU B 37 -32.51 -8.71 36.72
CA LEU B 37 -33.29 -9.78 37.31
C LEU B 37 -32.44 -10.73 38.16
N LEU B 38 -31.11 -10.62 38.08
CA LEU B 38 -30.27 -11.41 38.99
C LEU B 38 -30.53 -11.02 40.44
N ILE B 39 -30.85 -9.75 40.69
CA ILE B 39 -30.96 -9.23 42.05
C ILE B 39 -32.04 -9.98 42.81
N PRO B 40 -33.28 -10.10 42.30
CA PRO B 40 -34.24 -11.01 42.94
C PRO B 40 -33.79 -12.46 42.98
N LEU B 41 -32.90 -12.89 42.08
CA LEU B 41 -32.47 -14.28 42.06
C LEU B 41 -31.40 -14.55 43.13
N LEU B 42 -30.31 -13.79 43.09
CA LEU B 42 -29.24 -14.01 44.05
C LEU B 42 -29.61 -13.50 45.43
N ALA B 43 -30.52 -12.53 45.53
CA ALA B 43 -31.02 -12.13 46.83
C ALA B 43 -31.85 -13.21 47.52
N ALA B 44 -32.24 -14.26 46.79
CA ALA B 44 -32.80 -15.46 47.37
C ALA B 44 -31.80 -16.61 47.44
N LEU B 45 -30.84 -16.65 46.51
CA LEU B 45 -29.90 -17.77 46.46
C LEU B 45 -29.00 -17.79 47.69
N PHE B 46 -28.39 -16.65 48.01
CA PHE B 46 -27.50 -16.56 49.17
C PHE B 46 -28.24 -16.34 50.48
N SER B 47 -29.56 -16.14 50.45
CA SER B 47 -30.34 -15.83 51.63
C SER B 47 -30.81 -17.12 52.30
N ASP B 48 -31.73 -16.98 53.26
CA ASP B 48 -32.26 -18.11 54.00
C ASP B 48 -33.26 -18.93 53.21
N THR B 49 -33.69 -18.47 52.03
CA THR B 49 -34.73 -19.11 51.23
C THR B 49 -34.22 -19.31 49.80
N PRO B 50 -33.38 -20.31 49.56
CA PRO B 50 -32.96 -20.58 48.17
C PRO B 50 -34.10 -20.95 47.25
N SER B 51 -35.19 -21.54 47.77
CA SER B 51 -36.25 -22.04 46.91
C SER B 51 -36.98 -20.93 46.17
N ASP B 52 -36.89 -19.68 46.63
CA ASP B 52 -37.48 -18.57 45.91
C ASP B 52 -36.78 -18.31 44.57
N ALA B 53 -35.58 -18.86 44.36
CA ALA B 53 -34.84 -18.59 43.14
C ALA B 53 -35.55 -19.08 41.88
N TRP B 54 -36.36 -20.14 42.00
CA TRP B 54 -36.93 -20.78 40.82
C TRP B 54 -37.81 -19.82 40.03
N LEU B 55 -38.65 -19.05 40.71
CA LEU B 55 -39.55 -18.13 40.04
C LEU B 55 -38.78 -17.10 39.23
N TRP B 56 -37.83 -16.42 39.87
CA TRP B 56 -37.02 -15.44 39.16
C TRP B 56 -36.09 -16.12 38.16
N LEU B 57 -35.68 -17.36 38.42
CA LEU B 57 -34.99 -18.12 37.39
C LEU B 57 -35.91 -18.39 36.20
N GLY B 58 -37.19 -18.66 36.47
CA GLY B 58 -38.14 -18.84 35.39
C GLY B 58 -38.27 -17.60 34.51
N TRP B 59 -38.44 -16.44 35.14
CA TRP B 59 -38.54 -15.22 34.35
C TRP B 59 -37.19 -14.68 33.90
N LEU B 60 -36.08 -15.33 34.30
CA LEU B 60 -34.80 -15.05 33.66
C LEU B 60 -34.64 -15.87 32.38
N THR B 61 -35.00 -17.15 32.42
CA THR B 61 -34.92 -17.96 31.21
C THR B 61 -35.94 -17.49 30.18
N ALA B 62 -37.10 -17.01 30.64
CA ALA B 62 -38.12 -16.52 29.71
C ALA B 62 -37.74 -15.21 29.04
N VAL B 63 -36.69 -14.54 29.50
CA VAL B 63 -36.14 -13.37 28.80
C VAL B 63 -34.87 -13.72 28.05
N THR B 64 -34.11 -14.71 28.53
CA THR B 64 -32.95 -15.16 27.76
C THR B 64 -33.40 -15.83 26.46
N LEU B 65 -34.52 -16.55 26.49
CA LEU B 65 -35.05 -17.14 25.26
C LEU B 65 -35.45 -16.06 24.27
N ALA B 66 -36.11 -15.01 24.76
CA ALA B 66 -36.45 -13.89 23.89
C ALA B 66 -35.20 -13.20 23.37
N GLY B 67 -34.16 -13.13 24.21
CA GLY B 67 -32.89 -12.59 23.74
C GLY B 67 -32.30 -13.42 22.62
N TRP B 68 -32.36 -14.75 22.73
CA TRP B 68 -31.89 -15.60 21.65
C TRP B 68 -32.67 -15.35 20.37
N VAL B 69 -34.00 -15.32 20.47
CA VAL B 69 -34.83 -15.20 19.26
C VAL B 69 -34.60 -13.85 18.59
N THR B 70 -34.63 -12.77 19.38
CA THR B 70 -34.42 -11.46 18.79
C THR B 70 -32.99 -11.26 18.34
N ASP B 71 -32.02 -11.92 18.98
CA ASP B 71 -30.65 -11.85 18.49
C ASP B 71 -30.51 -12.55 17.14
N THR B 72 -31.18 -13.70 16.98
CA THR B 72 -31.16 -14.38 15.69
C THR B 72 -31.80 -13.50 14.61
N ASN B 73 -32.92 -12.84 14.95
CA ASN B 73 -33.59 -12.01 13.96
C ASN B 73 -32.81 -10.73 13.68
N THR B 74 -31.98 -10.28 14.61
CA THR B 74 -31.09 -9.15 14.31
C THR B 74 -29.91 -9.62 13.48
N ALA B 75 -29.40 -10.82 13.73
CA ALA B 75 -28.18 -11.27 13.05
C ALA B 75 -28.47 -11.69 11.61
N ARG B 76 -29.60 -12.35 11.37
CA ARG B 76 -29.98 -12.69 10.00
C ARG B 76 -30.21 -11.44 9.18
N LEU B 77 -30.91 -10.48 9.78
CA LEU B 77 -31.10 -9.18 9.14
C LEU B 77 -29.77 -8.46 8.95
N GLY B 78 -28.82 -8.68 9.86
CA GLY B 78 -27.49 -8.11 9.69
C GLY B 78 -26.74 -8.72 8.52
N PHE B 79 -26.86 -10.03 8.35
CA PHE B 79 -26.28 -10.69 7.18
C PHE B 79 -26.86 -10.12 5.90
N ASP B 80 -28.19 -9.99 5.86
CA ASP B 80 -28.85 -9.44 4.68
C ASP B 80 -28.39 -8.02 4.40
N LEU B 81 -28.32 -7.20 5.45
CA LEU B 81 -27.92 -5.81 5.27
C LEU B 81 -26.46 -5.69 4.88
N GLY B 82 -25.60 -6.57 5.41
CA GLY B 82 -24.22 -6.56 5.00
C GLY B 82 -24.05 -6.91 3.53
N PHE B 83 -24.76 -7.94 3.08
CA PHE B 83 -24.67 -8.29 1.66
C PHE B 83 -25.23 -7.17 0.78
N ALA B 84 -26.36 -6.58 1.18
CA ALA B 84 -27.01 -5.57 0.34
C ALA B 84 -26.42 -4.18 0.52
N VAL B 85 -25.46 -3.99 1.43
CA VAL B 85 -24.71 -2.74 1.50
C VAL B 85 -23.40 -2.95 0.77
N LEU B 86 -22.84 -4.17 0.83
CA LEU B 86 -21.68 -4.49 0.02
C LEU B 86 -21.98 -4.33 -1.46
N SER B 87 -23.05 -4.98 -1.93
CA SER B 87 -23.40 -4.88 -3.35
C SER B 87 -23.73 -3.44 -3.72
N ARG B 88 -24.50 -2.75 -2.88
CA ARG B 88 -24.93 -1.40 -3.20
C ARG B 88 -23.74 -0.45 -3.29
N THR B 89 -22.83 -0.50 -2.31
CA THR B 89 -21.70 0.43 -2.32
C THR B 89 -20.69 0.06 -3.39
N GLN B 90 -20.50 -1.24 -3.67
CA GLN B 90 -19.60 -1.61 -4.76
C GLN B 90 -20.12 -1.13 -6.10
N HIS B 91 -21.42 -1.30 -6.34
CA HIS B 91 -21.99 -0.82 -7.60
C HIS B 91 -21.99 0.69 -7.67
N ASP B 92 -22.25 1.37 -6.54
CA ASP B 92 -22.20 2.83 -6.53
C ASP B 92 -20.80 3.34 -6.82
N MET B 93 -19.78 2.68 -6.27
CA MET B 93 -18.41 3.06 -6.56
C MET B 93 -18.09 2.81 -8.03
N ALA B 94 -18.39 1.61 -8.53
CA ALA B 94 -18.06 1.27 -9.91
C ALA B 94 -18.81 2.13 -10.91
N ASP B 95 -19.98 2.65 -10.55
CA ASP B 95 -20.67 3.62 -11.39
C ASP B 95 -20.04 5.01 -11.26
N ARG B 96 -19.63 5.37 -10.04
CA ARG B 96 -19.06 6.69 -9.81
C ARG B 96 -17.73 6.86 -10.52
N LEU B 97 -16.87 5.85 -10.44
CA LEU B 97 -15.49 6.01 -10.91
C LEU B 97 -15.38 6.38 -12.39
N PRO B 98 -16.13 5.79 -13.32
CA PRO B 98 -16.09 6.30 -14.70
C PRO B 98 -16.43 7.77 -14.81
N ASN B 99 -17.36 8.27 -13.98
CA ASN B 99 -17.74 9.67 -14.01
C ASN B 99 -16.85 10.55 -13.14
N VAL B 100 -15.92 9.96 -12.37
CA VAL B 100 -14.97 10.76 -11.59
C VAL B 100 -14.04 11.49 -12.53
N ALA B 101 -13.81 12.77 -12.27
CA ALA B 101 -12.84 13.53 -13.03
C ALA B 101 -11.43 12.98 -12.80
N MET B 102 -10.61 13.02 -13.85
CA MET B 102 -9.27 12.45 -13.77
C MET B 102 -8.33 13.27 -12.89
N SER B 103 -8.70 14.50 -12.51
CA SER B 103 -7.89 15.27 -11.58
C SER B 103 -7.86 14.64 -10.19
N TRP B 104 -8.77 13.72 -9.89
CA TRP B 104 -8.85 13.10 -8.58
C TRP B 104 -7.75 12.05 -8.36
N PHE B 105 -7.17 11.50 -9.43
CA PHE B 105 -6.31 10.33 -9.31
C PHE B 105 -4.86 10.70 -9.02
N THR B 106 -4.65 11.55 -8.02
CA THR B 106 -3.35 11.66 -7.40
C THR B 106 -3.02 10.28 -6.83
N PRO B 107 -1.80 9.75 -6.98
CA PRO B 107 -1.65 8.32 -6.72
C PRO B 107 -1.82 7.83 -5.27
N ASP B 108 -1.84 8.68 -4.24
CA ASP B 108 -2.39 8.23 -2.97
C ASP B 108 -3.90 8.03 -3.08
N ASN B 109 -4.58 8.92 -3.82
CA ASN B 109 -6.01 8.74 -4.03
C ASN B 109 -6.28 7.45 -4.81
N THR B 110 -5.46 7.17 -5.83
CA THR B 110 -5.62 5.93 -6.58
C THR B 110 -5.33 4.72 -5.72
N ALA B 111 -4.31 4.81 -4.86
CA ALA B 111 -4.03 3.69 -3.95
C ALA B 111 -5.20 3.44 -3.01
N THR B 112 -5.78 4.49 -2.45
CA THR B 112 -6.93 4.32 -1.56
C THR B 112 -8.13 3.77 -2.31
N ALA B 113 -8.35 4.22 -3.55
CA ALA B 113 -9.45 3.68 -4.34
C ALA B 113 -9.25 2.19 -4.60
N ARG B 114 -8.02 1.80 -4.92
CA ARG B 114 -7.72 0.38 -5.10
C ARG B 114 -7.98 -0.41 -3.82
N GLN B 115 -7.57 0.14 -2.67
CA GLN B 115 -7.81 -0.53 -1.41
C GLN B 115 -9.30 -0.68 -1.12
N ALA B 116 -10.07 0.38 -1.36
CA ALA B 116 -11.51 0.34 -1.12
C ALA B 116 -12.18 -0.66 -2.03
N ILE B 117 -11.76 -0.72 -3.30
CA ILE B 117 -12.40 -1.62 -4.25
C ILE B 117 -12.06 -3.06 -3.92
N ALA B 118 -10.81 -3.33 -3.54
CA ALA B 118 -10.30 -4.70 -3.45
C ALA B 118 -10.47 -5.32 -2.06
N ALA B 119 -9.99 -4.63 -1.03
CA ALA B 119 -9.84 -5.24 0.29
C ALA B 119 -11.13 -5.26 1.10
N THR B 120 -12.19 -4.61 0.65
CA THR B 120 -13.39 -4.38 1.46
C THR B 120 -14.46 -5.44 1.24
N GLY B 121 -14.14 -6.57 0.62
CA GLY B 121 -15.16 -7.55 0.32
C GLY B 121 -15.69 -8.26 1.56
N PRO B 122 -14.88 -9.15 2.16
CA PRO B 122 -15.32 -9.76 3.41
C PRO B 122 -15.67 -8.77 4.51
N GLU B 123 -14.98 -7.64 4.59
CA GLU B 123 -15.16 -6.72 5.70
C GLU B 123 -16.57 -6.11 5.69
N LEU B 124 -17.00 -5.60 4.53
CA LEU B 124 -18.33 -5.00 4.45
C LEU B 124 -19.42 -6.05 4.65
N ALA B 125 -19.19 -7.28 4.19
CA ALA B 125 -20.16 -8.34 4.42
C ALA B 125 -20.32 -8.63 5.91
N GLY B 126 -19.29 -8.36 6.71
CA GLY B 126 -19.31 -8.57 8.14
C GLY B 126 -19.14 -7.29 8.92
N LEU B 127 -19.79 -6.21 8.46
CA LEU B 127 -19.75 -4.96 9.20
C LEU B 127 -20.72 -4.99 10.38
N VAL B 128 -22.02 -5.11 10.08
CA VAL B 128 -23.01 -5.07 11.16
C VAL B 128 -22.92 -6.33 12.01
N VAL B 129 -22.60 -7.47 11.40
CA VAL B 129 -22.62 -8.73 12.13
C VAL B 129 -21.52 -8.77 13.18
N ASN B 130 -20.34 -8.23 12.86
CA ASN B 130 -19.17 -8.35 13.71
C ASN B 130 -18.86 -7.07 14.49
N LEU B 131 -18.96 -5.90 13.86
CA LEU B 131 -18.59 -4.65 14.52
C LEU B 131 -19.78 -4.02 15.24
N LEU B 132 -20.81 -3.65 14.49
CA LEU B 132 -21.78 -2.70 15.01
C LEU B 132 -22.72 -3.34 16.04
N THR B 133 -23.12 -4.60 15.81
CA THR B 133 -24.02 -5.24 16.76
C THR B 133 -23.37 -5.42 18.12
N PRO B 134 -22.17 -5.97 18.26
CA PRO B 134 -21.52 -5.98 19.58
C PRO B 134 -21.29 -4.59 20.14
N LEU B 135 -20.95 -3.62 19.29
CA LEU B 135 -20.68 -2.27 19.78
C LEU B 135 -21.93 -1.68 20.45
N ILE B 136 -23.07 -1.74 19.77
CA ILE B 136 -24.29 -1.18 20.35
C ILE B 136 -24.75 -2.01 21.53
N GLY B 137 -24.69 -3.34 21.42
CA GLY B 137 -25.15 -4.19 22.50
C GLY B 137 -24.33 -4.10 23.76
N ALA B 138 -23.07 -3.70 23.65
CA ALA B 138 -22.22 -3.48 24.80
C ALA B 138 -22.16 -2.03 25.25
N ALA B 139 -22.59 -1.09 24.39
CA ALA B 139 -22.63 0.31 24.79
C ALA B 139 -23.93 0.64 25.53
N LEU B 140 -25.06 0.12 25.04
CA LEU B 140 -26.34 0.46 25.66
C LEU B 140 -26.55 -0.29 26.97
N LEU B 141 -25.91 -1.46 27.14
CA LEU B 141 -26.17 -2.28 28.31
C LEU B 141 -25.84 -1.60 29.63
N PRO B 142 -24.70 -0.90 29.79
CA PRO B 142 -24.49 -0.17 31.06
C PRO B 142 -25.56 0.85 31.37
N ALA B 143 -25.95 1.67 30.40
CA ALA B 143 -27.00 2.66 30.64
C ALA B 143 -28.33 1.98 30.91
N ALA B 144 -28.62 0.87 30.20
CA ALA B 144 -29.86 0.16 30.44
C ALA B 144 -29.91 -0.41 31.86
N ILE B 145 -28.81 -1.00 32.32
CA ILE B 145 -28.77 -1.51 33.69
C ILE B 145 -28.87 -0.36 34.68
N GLY B 146 -28.28 0.78 34.35
CA GLY B 146 -28.42 1.95 35.22
C GLY B 146 -29.85 2.40 35.36
N VAL B 147 -30.59 2.44 34.25
CA VAL B 147 -31.99 2.84 34.31
C VAL B 147 -32.82 1.81 35.07
N ALA B 148 -32.59 0.53 34.80
CA ALA B 148 -33.39 -0.52 35.43
C ALA B 148 -33.06 -0.67 36.91
N LEU B 149 -31.87 -0.24 37.32
CA LEU B 149 -31.49 -0.16 38.73
C LEU B 149 -31.70 1.23 39.31
N LEU B 150 -32.22 2.17 38.54
CA LEU B 150 -32.69 3.45 39.03
C LEU B 150 -34.18 3.42 39.35
N PHE B 151 -34.98 2.79 38.49
CA PHE B 151 -36.39 2.59 38.84
C PHE B 151 -36.53 1.76 40.12
N VAL B 152 -35.74 0.69 40.22
CA VAL B 152 -35.68 -0.14 41.42
C VAL B 152 -34.41 0.22 42.18
N SER B 153 -34.55 0.54 43.47
CA SER B 153 -33.43 0.97 44.30
C SER B 153 -32.78 2.24 43.74
N VAL B 154 -33.58 3.31 43.78
CA VAL B 154 -33.19 4.60 43.22
C VAL B 154 -31.90 5.20 43.77
N PRO B 155 -31.49 5.00 45.03
CA PRO B 155 -30.22 5.62 45.46
C PRO B 155 -29.00 5.09 44.73
N LEU B 156 -29.08 3.90 44.13
CA LEU B 156 -27.93 3.24 43.52
C LEU B 156 -27.88 3.35 42.00
N GLY B 157 -29.04 3.31 41.34
CA GLY B 157 -29.05 3.48 39.90
C GLY B 157 -28.57 4.85 39.46
N LEU B 158 -28.84 5.88 40.25
CA LEU B 158 -28.31 7.21 39.94
C LEU B 158 -26.79 7.19 39.96
N ALA B 159 -26.20 6.54 40.96
CA ALA B 159 -24.76 6.41 41.03
C ALA B 159 -24.22 5.62 39.84
N ALA B 160 -24.93 4.55 39.46
CA ALA B 160 -24.48 3.75 38.32
C ALA B 160 -24.51 4.56 37.02
N LEU B 161 -25.58 5.32 36.80
CA LEU B 161 -25.68 6.12 35.59
C LEU B 161 -24.67 7.26 35.59
N ALA B 162 -24.36 7.83 36.76
CA ALA B 162 -23.32 8.85 36.81
C ALA B 162 -21.94 8.24 36.56
N GLY B 163 -21.71 7.03 37.05
CA GLY B 163 -20.43 6.36 36.85
C GLY B 163 -20.26 5.80 35.45
N VAL B 164 -21.34 5.65 34.69
CA VAL B 164 -21.21 5.32 33.28
C VAL B 164 -20.37 6.39 32.59
N ALA B 165 -20.59 7.66 32.95
CA ALA B 165 -19.77 8.74 32.40
C ALA B 165 -18.31 8.58 32.79
N VAL B 166 -18.03 8.22 34.04
CA VAL B 166 -16.66 8.05 34.49
C VAL B 166 -15.98 6.93 33.70
N LEU B 167 -16.67 5.80 33.55
CA LEU B 167 -16.05 4.64 32.92
C LEU B 167 -15.87 4.87 31.42
N PHE B 168 -16.86 5.47 30.76
CA PHE B 168 -16.69 5.76 29.34
C PHE B 168 -15.62 6.82 29.11
N GLY B 169 -15.51 7.79 30.03
CA GLY B 169 -14.42 8.75 29.92
C GLY B 169 -13.07 8.09 30.08
N ALA B 170 -12.95 7.15 31.02
CA ALA B 170 -11.69 6.43 31.18
C ALA B 170 -11.37 5.61 29.93
N LEU B 171 -12.37 4.95 29.35
CA LEU B 171 -12.14 4.18 28.14
C LEU B 171 -11.71 5.08 26.98
N ALA B 172 -12.40 6.21 26.81
CA ALA B 172 -12.05 7.12 25.71
C ALA B 172 -10.66 7.70 25.89
N LEU B 173 -10.31 8.09 27.12
CA LEU B 173 -8.98 8.62 27.38
C LEU B 173 -7.91 7.56 27.15
N SER B 174 -8.18 6.32 27.57
CA SER B 174 -7.22 5.24 27.34
C SER B 174 -6.99 5.01 25.87
N GLY B 175 -8.07 4.91 25.09
CA GLY B 175 -7.93 4.74 23.65
C GLY B 175 -7.22 5.90 22.98
N ARG B 176 -7.56 7.13 23.35
CA ARG B 176 -6.92 8.31 22.77
C ARG B 176 -5.42 8.32 23.06
N LEU B 177 -5.04 8.06 24.31
CA LEU B 177 -3.63 8.07 24.66
C LEU B 177 -2.88 6.93 23.99
N SER B 178 -3.50 5.75 23.88
CA SER B 178 -2.83 4.64 23.21
C SER B 178 -2.61 4.95 21.72
N ARG B 179 -3.63 5.53 21.08
CA ARG B 179 -3.49 5.91 19.67
C ARG B 179 -2.39 6.95 19.48
N ALA B 180 -2.35 7.96 20.36
CA ALA B 180 -1.29 8.95 20.27
C ALA B 180 0.08 8.33 20.52
N ALA B 181 0.15 7.35 21.42
CA ALA B 181 1.41 6.66 21.68
C ALA B 181 1.88 5.92 20.45
N ASP B 182 0.96 5.25 19.75
CA ASP B 182 1.33 4.53 18.53
C ASP B 182 1.82 5.54 17.49
N LYS B 183 1.15 6.69 17.38
CA LYS B 183 1.57 7.72 16.44
C LYS B 183 2.98 8.20 16.76
N VAL B 184 3.26 8.45 18.04
CA VAL B 184 4.57 8.94 18.44
C VAL B 184 5.64 7.88 18.17
N ALA B 185 5.34 6.62 18.46
CA ALA B 185 6.32 5.55 18.20
C ALA B 185 6.63 5.45 16.72
N GLY B 186 5.60 5.53 15.87
CA GLY B 186 5.84 5.53 14.44
C GLY B 186 6.69 6.70 14.00
N GLU B 187 6.41 7.90 14.52
CA GLU B 187 7.18 9.08 14.16
C GLU B 187 8.64 8.92 14.55
N THR B 188 8.90 8.47 15.77
CA THR B 188 10.28 8.33 16.24
C THR B 188 11.02 7.26 15.46
N ASN B 189 10.38 6.12 15.18
CA ASN B 189 11.05 5.07 14.43
C ASN B 189 11.35 5.53 13.00
N SER B 190 10.42 6.23 12.36
CA SER B 190 10.66 6.68 11.00
C SER B 190 11.72 7.78 10.95
N ALA B 191 11.81 8.60 12.01
CA ALA B 191 12.82 9.66 12.01
C ALA B 191 14.23 9.10 12.13
N PHE B 192 14.41 8.05 12.93
CA PHE B 192 15.75 7.52 13.16
C PHE B 192 16.34 6.94 11.88
N THR B 193 15.54 6.19 11.12
CA THR B 193 16.04 5.40 10.00
C THR B 193 15.89 6.10 8.65
N GLU B 194 15.64 7.41 8.64
CA GLU B 194 15.65 8.13 7.38
C GLU B 194 17.03 8.13 6.75
N ARG B 195 18.09 8.08 7.57
CA ARG B 195 19.44 8.07 7.04
C ARG B 195 19.74 6.78 6.29
N ILE B 196 19.16 5.65 6.73
CA ILE B 196 19.43 4.39 6.05
C ILE B 196 18.82 4.39 4.65
N ILE B 197 17.62 4.97 4.50
CA ILE B 197 17.04 5.08 3.17
C ILE B 197 17.85 6.07 2.33
N GLU B 198 18.35 7.13 2.94
CA GLU B 198 19.22 8.07 2.23
C GLU B 198 20.47 7.35 1.74
N PHE B 199 20.98 6.39 2.52
CA PHE B 199 22.10 5.59 2.10
C PHE B 199 21.73 4.69 0.92
N ALA B 200 20.61 3.96 1.06
CA ALA B 200 20.22 2.99 0.05
C ALA B 200 19.94 3.65 -1.29
N ARG B 201 19.26 4.79 -1.28
CA ARG B 201 19.00 5.51 -2.53
C ARG B 201 20.30 5.96 -3.19
N THR B 202 21.23 6.49 -2.40
CA THR B 202 22.50 7.00 -2.91
C THR B 202 23.61 5.96 -2.80
N GLN B 203 23.27 4.68 -2.87
CA GLN B 203 24.28 3.64 -2.71
C GLN B 203 25.18 3.56 -3.94
N GLN B 204 24.59 3.60 -5.14
CA GLN B 204 25.38 3.49 -6.36
C GLN B 204 26.34 4.67 -6.50
N ALA B 205 25.84 5.89 -6.30
CA ALA B 205 26.68 7.07 -6.50
C ALA B 205 27.78 7.16 -5.46
N LEU B 206 27.57 6.58 -4.28
CA LEU B 206 28.62 6.54 -3.26
C LEU B 206 29.64 5.46 -3.56
N ARG B 207 29.18 4.24 -3.83
CA ARG B 207 30.09 3.11 -4.01
C ARG B 207 31.01 3.33 -5.20
N ALA B 208 30.47 3.82 -6.32
CA ALA B 208 31.31 4.13 -7.47
C ALA B 208 32.27 5.28 -7.19
N ALA B 209 31.98 6.10 -6.18
CA ALA B 209 32.83 7.24 -5.83
C ALA B 209 33.86 6.90 -4.76
N ARG B 210 33.96 5.64 -4.33
CA ARG B 210 34.91 5.23 -3.30
C ARG B 210 34.64 5.94 -1.98
N ARG B 211 33.39 6.31 -1.73
CA ARG B 211 32.98 7.06 -0.55
C ARG B 211 32.03 6.28 0.34
N VAL B 212 31.87 4.97 0.11
CA VAL B 212 30.84 4.22 0.81
C VAL B 212 31.18 4.08 2.30
N GLU B 213 32.45 3.89 2.63
CA GLU B 213 32.84 3.65 4.01
C GLU B 213 32.77 4.93 4.85
N PRO B 214 33.28 6.06 4.36
CA PRO B 214 33.06 7.32 5.09
C PRO B 214 31.58 7.65 5.32
N ALA B 215 30.73 7.43 4.31
CA ALA B 215 29.31 7.71 4.49
C ALA B 215 28.68 6.75 5.49
N ARG B 216 29.08 5.48 5.44
CA ARG B 216 28.59 4.50 6.40
C ARG B 216 28.99 4.90 7.82
N SER B 217 30.24 5.32 8.00
CA SER B 217 30.70 5.74 9.32
C SER B 217 29.93 6.98 9.80
N GLN B 218 29.69 7.92 8.89
CA GLN B 218 28.94 9.12 9.26
C GLN B 218 27.52 8.78 9.70
N VAL B 219 26.85 7.90 8.96
CA VAL B 219 25.48 7.54 9.32
C VAL B 219 25.46 6.77 10.64
N GLY B 220 26.45 5.89 10.85
CA GLY B 220 26.52 5.18 12.12
C GLY B 220 26.73 6.12 13.29
N SER B 221 27.62 7.10 13.12
CA SER B 221 27.83 8.09 14.18
C SER B 221 26.56 8.89 14.44
N ALA B 222 25.83 9.26 13.38
CA ALA B 222 24.58 9.98 13.57
C ALA B 222 23.56 9.14 14.34
N LEU B 223 23.42 7.86 13.96
CA LEU B 223 22.48 6.99 14.65
C LEU B 223 22.85 6.83 16.12
N ALA B 224 24.14 6.65 16.40
CA ALA B 224 24.57 6.52 17.79
C ALA B 224 24.32 7.81 18.57
N ALA B 225 24.56 8.96 17.95
CA ALA B 225 24.35 10.24 18.63
C ALA B 225 22.87 10.46 18.95
N GLN B 226 21.98 10.10 18.02
CA GLN B 226 20.57 10.33 18.22
C GLN B 226 19.89 9.26 19.08
N HIS B 227 20.56 8.13 19.33
CA HIS B 227 19.89 6.99 19.94
C HIS B 227 19.43 7.28 21.37
N GLY B 228 20.21 8.02 22.13
CA GLY B 228 19.99 8.12 23.56
C GLY B 228 18.73 8.87 23.98
N ALA B 229 18.05 9.54 23.05
CA ALA B 229 16.93 10.42 23.37
C ALA B 229 15.58 9.78 23.11
N GLY B 230 15.46 8.46 23.27
CA GLY B 230 14.23 7.73 22.99
C GLY B 230 13.39 7.36 24.18
N LEU B 231 13.72 7.82 25.38
CA LEU B 231 13.07 7.38 26.61
C LEU B 231 12.12 8.39 27.23
N ARG B 232 12.33 9.69 26.98
CA ARG B 232 11.69 10.72 27.78
C ARG B 232 10.18 10.82 27.55
N LEU B 233 9.67 10.29 26.45
CA LEU B 233 8.28 10.49 26.04
C LEU B 233 7.42 9.26 26.32
N LEU B 234 7.66 8.60 27.45
CA LEU B 234 6.84 7.49 27.92
C LEU B 234 5.62 7.94 28.71
N THR B 235 5.40 9.25 28.85
CA THR B 235 4.33 9.76 29.70
C THR B 235 2.93 9.39 29.19
N MET B 236 2.81 9.01 27.91
CA MET B 236 1.51 8.76 27.29
C MET B 236 1.24 7.29 27.01
N GLN B 237 2.28 6.45 26.91
CA GLN B 237 2.08 5.00 26.92
C GLN B 237 1.87 4.45 28.32
N ILE B 238 2.38 5.15 29.35
CA ILE B 238 2.17 4.69 30.72
C ILE B 238 0.69 4.63 31.06
N PRO B 239 -0.12 5.68 30.82
CA PRO B 239 -1.58 5.55 30.95
C PRO B 239 -2.22 5.01 29.67
N GLY B 240 -1.82 3.81 29.26
CA GLY B 240 -2.37 3.17 28.10
C GLY B 240 -3.56 2.30 28.46
N GLN B 241 -3.46 1.00 28.23
CA GLN B 241 -4.46 0.08 28.74
C GLN B 241 -4.48 0.04 30.27
N VAL B 242 -3.35 0.39 30.89
CA VAL B 242 -3.28 0.40 32.35
C VAL B 242 -4.27 1.40 32.93
N LEU B 243 -4.43 2.56 32.26
CA LEU B 243 -5.38 3.55 32.74
C LEU B 243 -6.80 2.97 32.78
N PHE B 244 -7.22 2.32 31.70
CA PHE B 244 -8.58 1.78 31.66
C PHE B 244 -8.75 0.66 32.67
N SER B 245 -7.77 -0.25 32.76
CA SER B 245 -7.90 -1.36 33.70
C SER B 245 -7.94 -0.86 35.14
N LEU B 246 -7.06 0.09 35.49
CA LEU B 246 -7.05 0.65 36.83
C LEU B 246 -8.35 1.38 37.13
N ALA B 247 -8.86 2.16 36.16
CA ALA B 247 -10.11 2.87 36.39
C ALA B 247 -11.27 1.89 36.59
N GLY B 248 -11.32 0.84 35.78
CA GLY B 248 -12.36 -0.16 35.94
C GLY B 248 -12.32 -0.84 37.29
N GLN B 249 -11.13 -1.26 37.72
CA GLN B 249 -11.04 -1.93 39.01
C GLN B 249 -11.21 -0.98 40.19
N VAL B 250 -10.82 0.29 40.03
CA VAL B 250 -11.09 1.28 41.06
C VAL B 250 -12.58 1.48 41.22
N ALA B 251 -13.30 1.60 40.10
CA ALA B 251 -14.76 1.73 40.18
C ALA B 251 -15.39 0.48 40.79
N LEU B 252 -14.86 -0.70 40.42
CA LEU B 252 -15.35 -1.95 40.99
C LEU B 252 -15.22 -1.95 42.52
N ILE B 253 -14.02 -1.64 43.01
CA ILE B 253 -13.81 -1.66 44.45
C ILE B 253 -14.58 -0.55 45.14
N GLY B 254 -14.75 0.61 44.48
CA GLY B 254 -15.55 1.67 45.07
C GLY B 254 -16.99 1.27 45.25
N PHE B 255 -17.60 0.66 44.22
CA PHE B 255 -18.98 0.20 44.34
C PHE B 255 -19.10 -0.91 45.38
N ALA B 256 -18.14 -1.83 45.42
CA ALA B 256 -18.19 -2.90 46.41
C ALA B 256 -18.06 -2.34 47.82
N GLY B 257 -17.16 -1.38 48.02
CA GLY B 257 -17.01 -0.78 49.33
C GLY B 257 -18.24 -0.01 49.77
N MET B 258 -18.86 0.72 48.85
CA MET B 258 -20.12 1.39 49.19
C MET B 258 -21.21 0.38 49.52
N ALA B 259 -21.23 -0.76 48.82
CA ALA B 259 -22.21 -1.79 49.14
C ALA B 259 -21.99 -2.33 50.56
N VAL B 260 -20.73 -2.59 50.92
CA VAL B 260 -20.47 -3.09 52.27
C VAL B 260 -20.77 -2.02 53.31
N TRP B 261 -20.50 -0.76 52.99
CA TRP B 261 -20.82 0.33 53.91
C TRP B 261 -22.32 0.43 54.14
N LEU B 262 -23.11 0.31 53.07
CA LEU B 262 -24.56 0.30 53.22
C LEU B 262 -25.02 -0.91 54.02
N THR B 263 -24.36 -2.06 53.82
CA THR B 263 -24.71 -3.26 54.58
C THR B 263 -24.49 -3.04 56.06
N VAL B 264 -23.34 -2.48 56.43
CA VAL B 264 -23.06 -2.21 57.84
C VAL B 264 -24.00 -1.15 58.39
N ARG B 265 -24.36 -0.16 57.56
CA ARG B 265 -25.26 0.91 57.99
C ARG B 265 -26.71 0.47 58.09
N GLY B 266 -27.04 -0.75 57.67
CA GLY B 266 -28.37 -1.30 57.87
C GLY B 266 -29.38 -0.99 56.79
N GLN B 267 -28.98 -0.35 55.70
CA GLN B 267 -29.89 -0.03 54.61
C GLN B 267 -30.02 -1.15 53.58
N LEU B 268 -29.27 -2.25 53.74
CA LEU B 268 -29.35 -3.37 52.81
C LEU B 268 -29.09 -4.66 53.55
N GLY B 269 -29.68 -5.75 53.05
CA GLY B 269 -29.36 -7.06 53.56
C GLY B 269 -28.13 -7.65 52.89
N VAL B 270 -27.59 -8.69 53.53
CA VAL B 270 -26.37 -9.32 52.99
C VAL B 270 -26.60 -9.94 51.62
N PRO B 271 -27.64 -10.76 51.39
CA PRO B 271 -27.85 -11.28 50.03
C PRO B 271 -28.07 -10.17 49.00
N GLU B 272 -28.79 -9.12 49.38
CA GLU B 272 -28.96 -7.98 48.47
C GLU B 272 -27.63 -7.32 48.19
N ALA B 273 -26.77 -7.20 49.21
CA ALA B 273 -25.47 -6.58 49.02
C ALA B 273 -24.52 -7.45 48.20
N ILE B 274 -24.76 -8.76 48.13
CA ILE B 274 -23.97 -9.61 47.26
C ILE B 274 -24.47 -9.53 45.82
N ALA B 275 -25.79 -9.57 45.64
CA ALA B 275 -26.35 -9.50 44.29
C ALA B 275 -26.08 -8.14 43.67
N LEU B 276 -26.05 -7.08 44.49
CA LEU B 276 -25.70 -5.76 43.98
C LEU B 276 -24.25 -5.76 43.48
N ILE B 277 -23.35 -6.43 44.20
CA ILE B 277 -21.97 -6.53 43.76
C ILE B 277 -21.89 -7.29 42.45
N VAL B 278 -22.67 -8.36 42.32
CA VAL B 278 -22.65 -9.14 41.07
C VAL B 278 -23.13 -8.28 39.91
N VAL B 279 -24.22 -7.54 40.11
CA VAL B 279 -24.73 -6.69 39.04
C VAL B 279 -23.75 -5.56 38.72
N LEU B 280 -23.08 -5.04 39.75
CA LEU B 280 -22.11 -3.98 39.53
C LEU B 280 -20.81 -4.51 38.94
N VAL B 281 -20.64 -5.83 38.91
CA VAL B 281 -19.60 -6.43 38.07
C VAL B 281 -20.11 -6.58 36.63
N ARG B 282 -21.36 -7.03 36.48
CA ARG B 282 -21.97 -7.11 35.16
C ARG B 282 -22.05 -5.74 34.50
N TYR B 283 -22.25 -4.69 35.29
CA TYR B 283 -22.33 -3.34 34.77
C TYR B 283 -21.01 -2.90 34.14
N LEU B 284 -19.89 -3.54 34.52
CA LEU B 284 -18.57 -3.18 34.01
C LEU B 284 -18.16 -4.02 32.81
N GLU B 285 -18.68 -5.24 32.71
CA GLU B 285 -18.22 -6.18 31.67
C GLU B 285 -18.40 -5.65 30.26
N PRO B 286 -19.52 -5.01 29.89
CA PRO B 286 -19.60 -4.42 28.53
C PRO B 286 -18.54 -3.40 28.22
N PHE B 287 -18.05 -2.64 29.21
CA PHE B 287 -16.95 -1.71 28.95
C PHE B 287 -15.69 -2.47 28.54
N ALA B 288 -15.40 -3.59 29.22
CA ALA B 288 -14.28 -4.42 28.82
C ALA B 288 -14.50 -4.99 27.43
N ALA B 289 -15.75 -5.36 27.12
CA ALA B 289 -16.05 -5.89 25.79
C ALA B 289 -15.78 -4.84 24.71
N ILE B 290 -16.17 -3.59 24.96
CA ILE B 290 -15.90 -2.52 24.00
C ILE B 290 -14.40 -2.29 23.87
N ALA B 291 -13.68 -2.28 25.00
CA ALA B 291 -12.25 -2.05 24.97
C ALA B 291 -11.54 -3.14 24.16
N ASP B 292 -11.99 -4.38 24.29
CA ASP B 292 -11.46 -5.46 23.48
C ASP B 292 -11.79 -5.23 22.01
N LEU B 293 -12.94 -4.59 21.73
CA LEU B 293 -13.44 -4.43 20.37
C LEU B 293 -12.82 -3.25 19.63
N ALA B 294 -11.90 -2.51 20.26
CA ALA B 294 -11.38 -1.29 19.65
C ALA B 294 -10.69 -1.49 18.30
N PRO B 295 -9.76 -2.43 18.12
CA PRO B 295 -9.02 -2.48 16.83
C PRO B 295 -9.91 -2.72 15.62
N ALA B 296 -10.95 -3.54 15.76
CA ALA B 296 -11.89 -3.72 14.66
C ALA B 296 -12.56 -2.40 14.30
N LEU B 297 -12.95 -1.63 15.32
CA LEU B 297 -13.53 -0.32 15.06
C LEU B 297 -12.55 0.61 14.38
N GLU B 298 -11.27 0.55 14.76
CA GLU B 298 -10.28 1.40 14.12
C GLU B 298 -10.12 1.06 12.64
N THR B 299 -9.96 -0.23 12.33
CA THR B 299 -9.81 -0.64 10.94
C THR B 299 -11.05 -0.32 10.13
N THR B 300 -12.23 -0.52 10.70
CA THR B 300 -13.45 -0.20 9.97
C THR B 300 -13.62 1.30 9.79
N ARG B 301 -13.16 2.10 10.75
CA ARG B 301 -13.16 3.55 10.54
C ARG B 301 -12.25 3.93 9.39
N ALA B 302 -11.10 3.27 9.28
CA ALA B 302 -10.21 3.52 8.15
C ALA B 302 -10.89 3.18 6.82
N THR B 303 -11.50 1.98 6.75
CA THR B 303 -12.12 1.56 5.49
C THR B 303 -13.31 2.44 5.13
N LEU B 304 -14.11 2.82 6.12
CA LEU B 304 -15.22 3.72 5.86
C LEU B 304 -14.74 5.10 5.44
N ASN B 305 -13.61 5.56 5.98
CA ASN B 305 -13.03 6.82 5.50
C ASN B 305 -12.64 6.71 4.04
N ARG B 306 -12.03 5.58 3.66
CA ARG B 306 -11.65 5.39 2.25
C ARG B 306 -12.89 5.35 1.34
N ILE B 307 -13.93 4.62 1.76
CA ILE B 307 -15.13 4.52 0.95
C ILE B 307 -15.82 5.88 0.84
N GLN B 308 -15.82 6.65 1.93
CA GLN B 308 -16.36 7.99 1.87
C GLN B 308 -15.56 8.86 0.92
N ALA B 309 -14.24 8.78 0.98
CA ALA B 309 -13.40 9.61 0.15
C ALA B 309 -13.63 9.34 -1.33
N VAL B 310 -13.69 8.06 -1.70
CA VAL B 310 -13.95 7.74 -3.12
C VAL B 310 -15.37 8.11 -3.51
N LEU B 311 -16.33 7.92 -2.60
CA LEU B 311 -17.73 8.17 -2.95
C LEU B 311 -18.01 9.65 -3.16
N ASP B 312 -17.37 10.54 -2.41
CA ASP B 312 -17.60 11.97 -2.53
C ASP B 312 -16.63 12.66 -3.48
N ALA B 313 -15.88 11.89 -4.28
CA ALA B 313 -14.94 12.50 -5.21
C ALA B 313 -15.70 13.32 -6.25
N PRO B 314 -15.11 14.40 -6.76
CA PRO B 314 -15.83 15.22 -7.74
C PRO B 314 -16.15 14.44 -9.00
N THR B 315 -17.33 14.70 -9.57
CA THR B 315 -17.82 13.99 -10.73
C THR B 315 -18.27 14.98 -11.78
N LEU B 316 -18.08 14.62 -13.04
CA LEU B 316 -18.36 15.55 -14.13
C LEU B 316 -19.88 15.75 -14.25
N PRO B 317 -20.35 16.97 -14.60
CA PRO B 317 -21.77 17.10 -14.95
C PRO B 317 -22.10 16.43 -16.27
N ALA B 318 -23.38 16.43 -16.64
CA ALA B 318 -23.79 15.82 -17.90
C ALA B 318 -25.13 16.40 -18.32
N GLY B 319 -25.28 16.60 -19.63
CA GLY B 319 -26.52 17.12 -20.18
C GLY B 319 -26.73 18.59 -19.91
N GLY B 327 -22.61 14.19 -38.22
CA GLY B 327 -21.42 13.41 -37.94
C GLY B 327 -20.21 13.82 -38.76
N ALA B 328 -20.20 15.09 -39.20
CA ALA B 328 -19.09 15.61 -39.99
C ALA B 328 -17.97 16.04 -39.06
N ALA B 329 -16.95 16.68 -39.61
CA ALA B 329 -15.84 17.16 -38.79
C ALA B 329 -16.31 18.30 -37.90
N PRO B 330 -16.29 18.18 -36.57
CA PRO B 330 -16.77 19.28 -35.74
C PRO B 330 -15.73 20.40 -35.63
N SER B 331 -16.17 21.50 -35.03
CA SER B 331 -15.31 22.62 -34.67
C SER B 331 -15.06 22.59 -33.18
N ILE B 332 -13.78 22.61 -32.79
CA ILE B 332 -13.36 22.52 -31.40
C ILE B 332 -12.90 23.90 -30.95
N GLU B 333 -13.41 24.35 -29.81
CA GLU B 333 -13.16 25.70 -29.32
C GLU B 333 -12.80 25.67 -27.84
N PHE B 334 -11.80 26.46 -27.47
CA PHE B 334 -11.49 26.78 -26.08
C PHE B 334 -11.76 28.26 -25.87
N ASP B 335 -12.66 28.57 -24.94
CA ASP B 335 -13.06 29.95 -24.67
C ASP B 335 -12.28 30.45 -23.45
N ASP B 336 -11.01 30.75 -23.67
CA ASP B 336 -10.12 31.25 -22.62
C ASP B 336 -10.04 30.26 -21.46
N VAL B 337 -9.70 29.03 -21.80
CA VAL B 337 -9.75 27.92 -20.85
C VAL B 337 -8.47 27.89 -20.03
N ARG B 338 -8.63 27.63 -18.72
CA ARG B 338 -7.53 27.45 -17.81
C ARG B 338 -7.81 26.21 -16.96
N PHE B 339 -6.73 25.56 -16.51
CA PHE B 339 -6.84 24.38 -15.68
C PHE B 339 -5.64 24.30 -14.76
N SER B 340 -5.86 23.72 -13.58
CA SER B 340 -4.82 23.59 -12.56
C SER B 340 -4.88 22.22 -11.92
N TYR B 341 -3.71 21.63 -11.68
CA TYR B 341 -3.58 20.37 -10.97
C TYR B 341 -2.51 20.54 -9.90
N GLY B 342 -2.70 19.84 -8.78
CA GLY B 342 -1.78 19.95 -7.67
C GLY B 342 -1.75 21.35 -7.10
N ASP B 343 -0.65 22.07 -7.32
CA ASP B 343 -0.51 23.45 -6.89
C ASP B 343 0.13 24.29 -8.00
N GLU B 344 -0.30 24.06 -9.24
CA GLU B 344 0.22 24.81 -10.37
C GLU B 344 -0.86 24.87 -11.46
N VAL B 345 -0.71 25.85 -12.34
CA VAL B 345 -1.63 26.07 -13.45
C VAL B 345 -1.12 25.24 -14.63
N VAL B 346 -1.65 24.02 -14.77
CA VAL B 346 -1.24 23.15 -15.87
C VAL B 346 -1.66 23.68 -17.22
N LEU B 347 -2.63 24.59 -17.28
CA LEU B 347 -3.09 25.19 -18.53
C LEU B 347 -3.39 26.66 -18.28
N ASP B 348 -2.64 27.53 -18.94
CA ASP B 348 -2.73 28.98 -18.76
C ASP B 348 -3.02 29.64 -20.09
N GLY B 349 -4.08 30.44 -20.14
CA GLY B 349 -4.41 31.22 -21.33
C GLY B 349 -4.62 30.39 -22.57
N VAL B 350 -5.34 29.27 -22.46
CA VAL B 350 -5.56 28.37 -23.58
C VAL B 350 -6.86 28.76 -24.27
N SER B 351 -6.78 29.08 -25.56
CA SER B 351 -7.95 29.44 -26.34
C SER B 351 -7.64 29.21 -27.81
N PHE B 352 -8.61 28.70 -28.55
CA PHE B 352 -8.46 28.46 -29.98
C PHE B 352 -9.83 28.15 -30.57
N THR B 353 -9.86 28.04 -31.90
CA THR B 353 -11.07 27.63 -32.62
C THR B 353 -10.60 26.87 -33.86
N LEU B 354 -10.54 25.54 -33.74
CA LEU B 354 -9.98 24.73 -34.82
C LEU B 354 -10.95 24.64 -35.99
N ARG B 355 -10.45 24.97 -37.17
CA ARG B 355 -11.22 24.73 -38.38
C ARG B 355 -11.41 23.22 -38.57
N PRO B 356 -12.58 22.78 -39.03
CA PRO B 356 -12.87 21.34 -39.01
C PRO B 356 -12.06 20.57 -40.04
N GLY B 357 -11.76 19.31 -39.68
CA GLY B 357 -11.13 18.39 -40.62
C GLY B 357 -9.68 18.67 -40.94
N ASN B 358 -8.97 19.37 -40.06
CA ASN B 358 -7.58 19.74 -40.27
C ASN B 358 -6.66 18.87 -39.43
N THR B 359 -5.35 19.02 -39.68
CA THR B 359 -4.30 18.37 -38.91
C THR B 359 -3.51 19.42 -38.15
N THR B 360 -3.41 19.26 -36.84
CA THR B 360 -2.76 20.22 -35.96
C THR B 360 -1.80 19.50 -35.04
N ALA B 361 -0.70 20.17 -34.71
CA ALA B 361 0.34 19.65 -33.84
C ALA B 361 0.40 20.45 -32.54
N ILE B 362 0.98 19.83 -31.52
CA ILE B 362 1.32 20.48 -30.26
C ILE B 362 2.70 20.01 -29.86
N VAL B 363 3.53 20.93 -29.39
CA VAL B 363 4.91 20.64 -29.01
C VAL B 363 5.23 21.41 -27.73
N GLY B 364 6.35 21.04 -27.11
CA GLY B 364 6.83 21.72 -25.92
C GLY B 364 7.62 20.77 -25.04
N PRO B 365 8.18 21.28 -23.94
CA PRO B 365 8.89 20.41 -23.00
C PRO B 365 7.93 19.41 -22.36
N SER B 366 8.46 18.22 -22.07
CA SER B 366 7.68 17.23 -21.33
C SER B 366 7.39 17.75 -19.93
N GLY B 367 6.17 17.50 -19.45
CA GLY B 367 5.73 18.04 -18.19
C GLY B 367 5.18 19.46 -18.24
N SER B 368 5.02 20.02 -19.45
CA SER B 368 4.59 21.41 -19.60
C SER B 368 3.08 21.58 -19.67
N GLY B 369 2.32 20.49 -19.73
CA GLY B 369 0.88 20.56 -19.87
C GLY B 369 0.36 20.31 -21.28
N LYS B 370 1.03 19.46 -22.06
CA LYS B 370 0.61 19.20 -23.43
C LYS B 370 -0.50 18.16 -23.49
N THR B 371 -0.29 17.00 -22.84
CA THR B 371 -1.32 15.96 -22.84
C THR B 371 -2.58 16.41 -22.13
N THR B 372 -2.47 17.35 -21.19
CA THR B 372 -3.66 17.85 -20.49
C THR B 372 -4.62 18.54 -21.45
N ILE B 373 -4.10 19.11 -22.54
CA ILE B 373 -4.97 19.67 -23.56
C ILE B 373 -5.87 18.58 -24.13
N LEU B 374 -5.24 17.47 -24.56
CA LEU B 374 -6.01 16.35 -25.10
C LEU B 374 -6.98 15.80 -24.06
N SER B 375 -6.57 15.80 -22.79
CA SER B 375 -7.49 15.42 -21.73
C SER B 375 -8.69 16.36 -21.69
N LEU B 376 -8.50 17.64 -21.98
CA LEU B 376 -9.61 18.58 -21.96
C LEU B 376 -10.56 18.36 -23.13
N ILE B 377 -10.05 18.28 -24.37
CA ILE B 377 -10.98 18.02 -25.47
C ILE B 377 -11.53 16.59 -25.37
N ALA B 378 -10.76 15.66 -24.82
CA ALA B 378 -11.28 14.31 -24.64
C ALA B 378 -12.44 14.24 -23.67
N GLY B 379 -12.60 15.26 -22.82
CA GLY B 379 -13.62 15.20 -21.78
C GLY B 379 -13.19 14.44 -20.55
N LEU B 380 -11.89 14.22 -20.36
CA LEU B 380 -11.41 13.50 -19.19
C LEU B 380 -11.50 14.37 -17.94
N GLN B 381 -11.35 15.69 -18.08
CA GLN B 381 -11.40 16.62 -16.97
C GLN B 381 -12.20 17.84 -17.38
N GLN B 382 -13.14 18.25 -16.54
CA GLN B 382 -13.90 19.46 -16.80
C GLN B 382 -12.98 20.67 -16.72
N PRO B 383 -13.34 21.78 -17.38
CA PRO B 383 -12.48 22.97 -17.34
C PRO B 383 -12.72 23.77 -16.07
N ALA B 384 -11.63 24.14 -15.39
CA ALA B 384 -11.74 24.99 -14.21
C ALA B 384 -12.28 26.36 -14.57
N SER B 385 -11.85 26.92 -15.70
CA SER B 385 -12.32 28.20 -16.20
C SER B 385 -12.46 28.10 -17.71
N GLY B 386 -13.26 29.00 -18.27
CA GLY B 386 -13.52 28.98 -19.69
C GLY B 386 -14.51 27.89 -20.06
N ARG B 387 -14.62 27.66 -21.38
CA ARG B 387 -15.52 26.67 -21.94
C ARG B 387 -14.80 25.82 -22.97
N VAL B 388 -15.15 24.54 -23.01
CA VAL B 388 -14.69 23.60 -24.03
C VAL B 388 -15.92 23.09 -24.76
N LEU B 389 -15.93 23.22 -26.09
CA LEU B 389 -17.12 23.00 -26.90
C LEU B 389 -16.81 22.11 -28.09
N LEU B 390 -17.84 21.43 -28.57
CA LEU B 390 -17.81 20.69 -29.83
C LEU B 390 -18.99 21.16 -30.67
N ASP B 391 -18.71 21.92 -31.73
CA ASP B 391 -19.74 22.58 -32.52
C ASP B 391 -20.63 23.46 -31.64
N GLY B 392 -20.00 24.15 -30.69
CA GLY B 392 -20.72 25.00 -29.77
C GLY B 392 -21.37 24.29 -28.59
N VAL B 393 -21.38 22.96 -28.60
CA VAL B 393 -21.99 22.19 -27.52
C VAL B 393 -20.93 21.97 -26.44
N ASP B 394 -21.14 22.55 -25.26
CA ASP B 394 -20.21 22.39 -24.16
C ASP B 394 -20.15 20.92 -23.75
N VAL B 395 -18.91 20.43 -23.55
CA VAL B 395 -18.73 19.01 -23.25
C VAL B 395 -19.36 18.65 -21.92
N THR B 396 -19.33 19.57 -20.96
CA THR B 396 -20.01 19.33 -19.69
C THR B 396 -21.52 19.20 -19.89
N THR B 397 -22.09 20.00 -20.80
CA THR B 397 -23.51 19.93 -21.11
C THR B 397 -23.85 18.86 -22.13
N LEU B 398 -22.87 18.21 -22.73
CA LEU B 398 -23.16 17.13 -23.66
C LEU B 398 -23.81 15.96 -22.93
N ASP B 399 -24.60 15.20 -23.67
CA ASP B 399 -25.25 14.04 -23.09
C ASP B 399 -24.20 12.97 -22.79
N PRO B 400 -24.41 12.13 -21.76
CA PRO B 400 -23.33 11.23 -21.30
C PRO B 400 -22.93 10.19 -22.34
N GLU B 401 -23.91 9.43 -22.85
CA GLU B 401 -23.58 8.39 -23.81
C GLU B 401 -23.15 8.97 -25.15
N ALA B 402 -23.60 10.17 -25.49
CA ALA B 402 -23.19 10.80 -26.74
C ALA B 402 -21.76 11.31 -26.68
N ARG B 403 -21.28 11.70 -25.49
CA ARG B 403 -19.92 12.21 -25.38
C ARG B 403 -18.89 11.14 -25.71
N ARG B 404 -19.18 9.87 -25.42
CA ARG B 404 -18.23 8.80 -25.65
C ARG B 404 -18.02 8.49 -27.14
N ALA B 405 -18.85 9.05 -28.03
CA ALA B 405 -18.70 8.90 -29.48
C ALA B 405 -18.36 10.21 -30.16
N ALA B 406 -17.63 11.10 -29.48
CA ALA B 406 -17.31 12.42 -29.98
C ALA B 406 -15.82 12.64 -30.23
N VAL B 407 -14.94 11.80 -29.68
CA VAL B 407 -13.51 12.03 -29.69
C VAL B 407 -12.78 10.70 -29.64
N SER B 408 -11.52 10.72 -30.10
CA SER B 408 -10.64 9.56 -30.06
C SER B 408 -9.22 10.03 -29.75
N VAL B 409 -8.45 9.14 -29.11
CA VAL B 409 -7.11 9.48 -28.62
C VAL B 409 -6.16 8.33 -28.89
N VAL B 410 -4.89 8.68 -29.08
CA VAL B 410 -3.77 7.75 -28.98
C VAL B 410 -2.87 8.26 -27.87
N PHE B 411 -2.83 7.53 -26.75
CA PHE B 411 -2.26 8.03 -25.52
C PHE B 411 -0.74 7.89 -25.50
N GLN B 412 -0.10 8.69 -24.66
CA GLN B 412 1.34 8.57 -24.46
C GLN B 412 1.70 7.23 -23.84
N HIS B 413 0.80 6.68 -23.02
CA HIS B 413 0.94 5.33 -22.50
C HIS B 413 -0.01 4.44 -23.29
N PRO B 414 0.48 3.60 -24.22
CA PRO B 414 -0.46 2.77 -25.00
C PRO B 414 -1.11 1.69 -24.15
N TYR B 415 -2.16 2.08 -23.43
CA TYR B 415 -2.87 1.13 -22.57
C TYR B 415 -3.46 0.01 -23.41
N LEU B 416 -3.33 -1.21 -22.93
CA LEU B 416 -3.95 -2.37 -23.54
C LEU B 416 -4.64 -3.18 -22.45
N PHE B 417 -5.87 -3.60 -22.71
CA PHE B 417 -6.69 -4.29 -21.73
C PHE B 417 -6.49 -5.80 -21.73
N ASP B 418 -5.32 -6.27 -22.18
CA ASP B 418 -4.90 -7.67 -22.11
C ASP B 418 -5.67 -8.56 -23.08
N GLY B 419 -6.13 -8.01 -24.20
CA GLY B 419 -6.72 -8.78 -25.27
C GLY B 419 -5.72 -9.07 -26.38
N THR B 420 -6.24 -9.70 -27.44
CA THR B 420 -5.45 -9.92 -28.64
C THR B 420 -5.30 -8.60 -29.40
N LEU B 421 -4.48 -8.64 -30.47
CA LEU B 421 -4.33 -7.46 -31.31
C LEU B 421 -5.65 -7.07 -31.95
N ARG B 422 -6.36 -8.04 -32.52
CA ARG B 422 -7.67 -7.77 -33.07
C ARG B 422 -8.63 -7.31 -31.98
N ASP B 423 -8.60 -7.98 -30.83
CA ASP B 423 -9.50 -7.60 -29.74
C ASP B 423 -9.17 -6.21 -29.21
N ASN B 424 -7.88 -5.88 -29.07
CA ASN B 424 -7.51 -4.56 -28.59
C ASN B 424 -7.92 -3.48 -29.59
N VAL B 425 -7.63 -3.70 -30.88
CA VAL B 425 -7.92 -2.69 -31.89
C VAL B 425 -9.43 -2.51 -32.04
N LEU B 426 -10.21 -3.59 -31.89
CA LEU B 426 -11.65 -3.52 -32.06
C LEU B 426 -12.33 -2.64 -31.00
N VAL B 427 -11.63 -2.27 -29.93
CA VAL B 427 -12.17 -1.29 -28.99
C VAL B 427 -12.41 0.02 -29.74
N GLY B 428 -13.60 0.59 -29.57
CA GLY B 428 -13.98 1.81 -30.23
C GLY B 428 -15.15 1.63 -31.17
N ASP B 429 -15.19 0.48 -31.85
CA ASP B 429 -16.28 0.17 -32.77
C ASP B 429 -16.33 -1.34 -33.01
N PRO B 430 -16.92 -2.11 -32.09
CA PRO B 430 -17.00 -3.56 -32.31
C PRO B 430 -17.82 -3.95 -33.53
N GLU B 431 -18.68 -3.08 -34.04
CA GLU B 431 -19.57 -3.41 -35.15
C GLU B 431 -18.92 -3.26 -36.52
N ALA B 432 -17.67 -2.82 -36.59
CA ALA B 432 -17.01 -2.64 -37.88
C ALA B 432 -16.84 -3.98 -38.60
N ASP B 433 -16.98 -3.94 -39.92
CA ASP B 433 -16.87 -5.15 -40.72
C ASP B 433 -15.39 -5.57 -40.82
N PRO B 434 -15.13 -6.82 -41.19
CA PRO B 434 -13.71 -7.26 -41.27
C PRO B 434 -12.87 -6.47 -42.26
N ASP B 435 -13.45 -6.02 -43.37
CA ASP B 435 -12.66 -5.25 -44.34
C ASP B 435 -12.19 -3.92 -43.72
N ASP B 436 -13.05 -3.28 -42.93
CA ASP B 436 -12.64 -2.05 -42.26
C ASP B 436 -11.53 -2.32 -41.25
N VAL B 437 -11.61 -3.45 -40.55
CA VAL B 437 -10.54 -3.84 -39.63
C VAL B 437 -9.24 -4.03 -40.40
N THR B 438 -9.31 -4.68 -41.56
CA THR B 438 -8.12 -4.88 -42.37
C THR B 438 -7.56 -3.56 -42.88
N ALA B 439 -8.43 -2.62 -43.24
CA ALA B 439 -7.97 -1.32 -43.74
C ALA B 439 -7.25 -0.55 -42.63
N ALA B 440 -7.84 -0.52 -41.43
CA ALA B 440 -7.17 0.14 -40.31
C ALA B 440 -5.87 -0.58 -39.97
N MET B 441 -5.87 -1.91 -40.07
CA MET B 441 -4.67 -2.70 -39.88
C MET B 441 -3.56 -2.26 -40.82
N ARG B 442 -3.89 -2.13 -42.10
CA ARG B 442 -2.90 -1.70 -43.10
C ARG B 442 -2.43 -0.28 -42.80
N LEU B 443 -3.36 0.61 -42.45
CA LEU B 443 -2.99 2.01 -42.22
C LEU B 443 -2.04 2.15 -41.04
N ALA B 444 -2.32 1.45 -39.94
CA ALA B 444 -1.47 1.55 -38.76
C ALA B 444 -0.16 0.79 -38.89
N ARG B 445 -0.01 -0.05 -39.91
CA ARG B 445 1.21 -0.80 -40.19
C ARG B 445 1.49 -1.85 -39.12
N VAL B 446 0.53 -2.23 -38.29
CA VAL B 446 0.81 -3.24 -37.28
C VAL B 446 0.94 -4.61 -37.96
N ASP B 447 0.44 -4.74 -39.18
CA ASP B 447 0.60 -5.96 -39.97
C ASP B 447 2.07 -6.35 -40.12
N GLU B 448 2.97 -5.37 -40.10
CA GLU B 448 4.40 -5.69 -40.09
C GLU B 448 4.78 -6.53 -38.87
N LEU B 449 4.17 -6.26 -37.71
CA LEU B 449 4.41 -7.10 -36.54
C LEU B 449 3.76 -8.47 -36.70
N LEU B 450 2.65 -8.57 -37.44
CA LEU B 450 2.07 -9.88 -37.69
C LEU B 450 3.01 -10.76 -38.50
N ASP B 451 3.91 -10.18 -39.29
CA ASP B 451 4.98 -10.96 -39.91
C ASP B 451 5.95 -11.50 -38.85
N ARG B 452 6.08 -10.80 -37.72
CA ARG B 452 6.95 -11.22 -36.63
C ARG B 452 6.19 -12.05 -35.59
N LEU B 453 4.94 -11.70 -35.33
CA LEU B 453 4.19 -12.35 -34.26
C LEU B 453 3.86 -13.79 -34.64
N PRO B 454 3.77 -14.70 -33.64
CA PRO B 454 3.60 -16.13 -33.98
C PRO B 454 2.22 -16.47 -34.53
N ASP B 455 1.16 -16.01 -33.85
CA ASP B 455 -0.21 -16.38 -34.18
C ASP B 455 -0.98 -15.26 -34.86
N GLY B 456 -0.26 -14.28 -35.45
CA GLY B 456 -0.94 -13.19 -36.11
C GLY B 456 -1.72 -12.33 -35.13
N ASP B 457 -2.83 -11.76 -35.62
CA ASP B 457 -3.64 -10.86 -34.81
C ASP B 457 -4.25 -11.57 -33.61
N ALA B 458 -4.42 -12.89 -33.66
CA ALA B 458 -4.99 -13.63 -32.55
C ALA B 458 -4.04 -13.72 -31.36
N THR B 459 -2.77 -13.34 -31.50
CA THR B 459 -1.83 -13.42 -30.41
C THR B 459 -2.23 -12.47 -29.28
N VAL B 460 -2.20 -12.97 -28.05
CA VAL B 460 -2.45 -12.11 -26.90
C VAL B 460 -1.29 -11.15 -26.74
N VAL B 461 -1.61 -9.86 -26.57
CA VAL B 461 -0.61 -8.80 -26.48
C VAL B 461 -0.76 -8.05 -25.17
N GLY B 462 -1.19 -8.76 -24.12
CA GLY B 462 -1.21 -8.18 -22.80
C GLY B 462 0.19 -7.99 -22.26
N GLU B 463 0.27 -7.42 -21.05
CA GLU B 463 1.57 -7.21 -20.43
C GLU B 463 2.29 -8.53 -20.18
N GLY B 464 1.54 -9.59 -19.85
CA GLY B 464 2.09 -10.92 -19.73
C GLY B 464 2.05 -11.77 -20.98
N GLY B 465 1.27 -11.35 -21.99
CA GLY B 465 1.15 -12.11 -23.22
C GLY B 465 2.30 -11.88 -24.17
N THR B 466 2.66 -10.63 -24.38
CA THR B 466 3.74 -10.25 -25.29
C THR B 466 4.50 -9.07 -24.71
N ALA B 467 5.83 -9.10 -24.87
CA ALA B 467 6.69 -8.00 -24.44
C ALA B 467 6.77 -6.94 -25.54
N LEU B 468 5.60 -6.40 -25.88
CA LEU B 468 5.49 -5.47 -26.99
C LEU B 468 6.14 -4.14 -26.63
N SER B 469 7.03 -3.66 -27.51
CA SER B 469 7.77 -2.43 -27.25
C SER B 469 6.86 -1.22 -27.42
N GLY B 470 7.29 -0.10 -26.83
CA GLY B 470 6.43 1.07 -26.74
C GLY B 470 5.97 1.59 -28.08
N GLY B 471 6.85 1.60 -29.08
CA GLY B 471 6.44 2.01 -30.41
C GLY B 471 5.38 1.09 -31.00
N GLU B 472 5.54 -0.22 -30.78
CA GLU B 472 4.59 -1.18 -31.34
C GLU B 472 3.24 -1.09 -30.63
N ARG B 473 3.25 -0.95 -29.31
CA ARG B 473 2.00 -0.74 -28.58
C ARG B 473 1.32 0.55 -29.03
N GLN B 474 2.10 1.61 -29.24
CA GLN B 474 1.52 2.85 -29.73
C GLN B 474 0.93 2.65 -31.12
N ARG B 475 1.58 1.85 -31.97
CA ARG B 475 1.04 1.56 -33.29
C ARG B 475 -0.31 0.84 -33.18
N VAL B 476 -0.41 -0.11 -32.25
CA VAL B 476 -1.69 -0.76 -31.99
C VAL B 476 -2.71 0.29 -31.56
N SER B 477 -2.28 1.26 -30.77
CA SER B 477 -3.18 2.34 -30.36
C SER B 477 -3.63 3.19 -31.55
N ILE B 478 -2.74 3.43 -32.51
CA ILE B 478 -3.15 4.17 -33.71
C ILE B 478 -4.21 3.38 -34.46
N ALA B 479 -4.03 2.07 -34.58
CA ALA B 479 -5.04 1.23 -35.21
C ALA B 479 -6.38 1.37 -34.49
N ARG B 480 -6.35 1.26 -33.16
CA ARG B 480 -7.58 1.32 -32.37
C ARG B 480 -8.28 2.66 -32.55
N ALA B 481 -7.53 3.76 -32.49
CA ALA B 481 -8.13 5.08 -32.64
C ALA B 481 -8.64 5.29 -34.05
N LEU B 482 -7.92 4.79 -35.05
CA LEU B 482 -8.33 4.97 -36.43
C LEU B 482 -9.62 4.23 -36.74
N LEU B 483 -9.85 3.08 -36.07
CA LEU B 483 -11.02 2.27 -36.43
C LEU B 483 -12.32 3.01 -36.15
N LYS B 484 -12.46 3.59 -34.96
CA LYS B 484 -13.79 4.03 -34.53
C LYS B 484 -14.24 5.25 -35.33
N PRO B 485 -15.58 5.49 -35.43
CA PRO B 485 -16.10 6.62 -36.19
C PRO B 485 -16.16 7.91 -35.37
N ALA B 486 -15.08 8.22 -34.66
CA ALA B 486 -15.04 9.43 -33.87
C ALA B 486 -14.99 10.64 -34.81
N PRO B 487 -15.82 11.67 -34.61
CA PRO B 487 -15.66 12.89 -35.41
C PRO B 487 -14.35 13.61 -35.18
N VAL B 488 -13.65 13.33 -34.07
CA VAL B 488 -12.40 13.99 -33.72
C VAL B 488 -11.37 12.92 -33.37
N LEU B 489 -10.17 13.07 -33.92
CA LEU B 489 -9.06 12.15 -33.69
C LEU B 489 -7.90 12.91 -33.04
N LEU B 490 -7.29 12.29 -32.04
CA LEU B 490 -6.20 12.90 -31.27
C LEU B 490 -5.06 11.91 -31.11
N VAL B 491 -3.83 12.43 -31.11
CA VAL B 491 -2.62 11.62 -31.01
C VAL B 491 -1.66 12.28 -30.03
N ASP B 492 -1.00 11.45 -29.21
CA ASP B 492 -0.01 11.89 -28.24
C ASP B 492 1.37 11.45 -28.70
N GLU B 493 2.38 11.66 -27.84
CA GLU B 493 3.79 11.53 -28.21
C GLU B 493 4.49 10.56 -27.26
N ALA B 494 4.71 9.33 -27.72
CA ALA B 494 5.64 8.42 -27.06
C ALA B 494 6.44 7.62 -28.08
N THR B 495 6.71 8.22 -29.24
CA THR B 495 7.31 7.52 -30.38
C THR B 495 8.82 7.45 -30.19
N SER B 496 9.27 6.40 -29.50
CA SER B 496 10.70 6.17 -29.36
C SER B 496 11.31 5.82 -30.71
N ALA B 497 12.58 6.20 -30.88
CA ALA B 497 13.28 5.97 -32.14
C ALA B 497 13.62 4.51 -32.39
N LEU B 498 13.37 3.61 -31.43
CA LEU B 498 13.62 2.20 -31.65
C LEU B 498 12.78 1.66 -32.81
N ASP B 499 11.57 2.18 -32.98
CA ASP B 499 10.65 1.75 -34.03
C ASP B 499 10.39 2.93 -34.97
N ASN B 500 11.07 2.92 -36.12
CA ASN B 500 10.80 3.92 -37.15
C ASN B 500 9.50 3.64 -37.90
N ALA B 501 9.10 2.36 -37.98
CA ALA B 501 7.82 2.05 -38.58
C ALA B 501 6.67 2.65 -37.78
N ASN B 502 6.86 2.85 -36.48
CA ASN B 502 5.85 3.57 -35.70
C ASN B 502 5.73 5.01 -36.19
N GLU B 503 6.86 5.67 -36.46
CA GLU B 503 6.80 7.01 -37.02
C GLU B 503 6.14 7.01 -38.39
N ALA B 504 6.42 5.98 -39.20
CA ALA B 504 5.77 5.88 -40.51
C ALA B 504 4.26 5.72 -40.36
N ALA B 505 3.82 4.91 -39.40
CA ALA B 505 2.39 4.74 -39.16
C ALA B 505 1.75 6.05 -38.69
N VAL B 506 2.46 6.80 -37.84
CA VAL B 506 1.98 8.11 -37.42
C VAL B 506 1.83 9.02 -38.63
N VAL B 507 2.83 9.00 -39.52
CA VAL B 507 2.78 9.83 -40.73
C VAL B 507 1.57 9.46 -41.58
N ASP B 508 1.32 8.17 -41.75
CA ASP B 508 0.15 7.73 -42.51
C ASP B 508 -1.13 8.15 -41.82
N ALA B 509 -1.15 8.16 -40.48
CA ALA B 509 -2.33 8.66 -39.77
C ALA B 509 -2.57 10.12 -40.06
N LEU B 510 -1.50 10.93 -40.10
CA LEU B 510 -1.68 12.33 -40.46
C LEU B 510 -2.18 12.48 -41.88
N THR B 511 -1.63 11.71 -42.82
CA THR B 511 -1.85 11.91 -44.25
C THR B 511 -2.90 10.98 -44.84
N ALA B 512 -2.82 9.68 -44.56
CA ALA B 512 -3.61 8.68 -45.28
C ALA B 512 -4.90 8.32 -44.54
N ASP B 513 -5.42 9.22 -43.73
CA ASP B 513 -6.66 8.94 -43.02
C ASP B 513 -7.84 8.95 -44.01
N PRO B 514 -8.60 7.85 -44.17
CA PRO B 514 -9.71 7.90 -45.14
C PRO B 514 -10.87 8.74 -44.68
N ARG B 515 -11.27 8.59 -43.42
CA ARG B 515 -12.47 9.26 -42.94
C ARG B 515 -12.23 10.77 -42.80
N PRO B 516 -13.28 11.59 -42.94
CA PRO B 516 -13.12 13.03 -42.64
C PRO B 516 -13.35 13.32 -41.17
N ARG B 517 -12.33 13.79 -40.47
CA ARG B 517 -12.45 14.12 -39.07
C ARG B 517 -11.29 15.02 -38.67
N THR B 518 -11.58 15.95 -37.76
CA THR B 518 -10.55 16.86 -37.28
C THR B 518 -9.47 16.09 -36.55
N ARG B 519 -8.21 16.40 -36.85
CA ARG B 519 -7.05 15.70 -36.32
C ARG B 519 -6.16 16.67 -35.56
N VAL B 520 -5.74 16.26 -34.37
CA VAL B 520 -4.83 17.03 -33.53
C VAL B 520 -3.73 16.10 -33.04
N ILE B 521 -2.50 16.61 -33.02
CA ILE B 521 -1.32 15.82 -32.67
C ILE B 521 -0.57 16.53 -31.56
N VAL B 522 0.09 15.74 -30.71
CA VAL B 522 1.06 16.23 -29.74
C VAL B 522 2.37 15.51 -30.02
N ALA B 523 3.45 16.28 -30.17
CA ALA B 523 4.63 15.79 -30.86
C ALA B 523 5.90 16.33 -30.22
N HIS B 524 6.96 15.52 -30.27
CA HIS B 524 8.32 15.92 -29.92
C HIS B 524 9.29 15.71 -31.06
N ARG B 525 9.26 14.55 -31.71
CA ARG B 525 10.24 14.19 -32.71
C ARG B 525 9.81 14.65 -34.11
N LEU B 526 10.72 14.51 -35.06
CA LEU B 526 10.57 15.15 -36.37
C LEU B 526 9.35 14.65 -37.13
N ALA B 527 9.11 13.33 -37.10
CA ALA B 527 8.05 12.77 -37.93
C ALA B 527 6.67 13.28 -37.53
N SER B 528 6.49 13.62 -36.26
CA SER B 528 5.19 14.03 -35.74
C SER B 528 5.00 15.55 -35.70
N ILE B 529 5.98 16.33 -36.15
CA ILE B 529 5.88 17.80 -36.21
C ILE B 529 5.88 18.32 -37.64
N ARG B 530 5.74 17.45 -38.64
CA ARG B 530 6.07 17.82 -40.02
C ARG B 530 4.85 18.34 -40.80
N HIS B 531 3.78 17.55 -40.88
CA HIS B 531 2.71 17.78 -41.83
C HIS B 531 1.48 18.43 -41.21
N ALA B 532 1.56 18.89 -39.96
CA ALA B 532 0.42 19.55 -39.34
C ALA B 532 0.18 20.91 -39.99
N ASP B 533 -0.91 21.56 -39.60
CA ASP B 533 -1.25 22.89 -40.08
C ASP B 533 -0.79 24.00 -39.15
N ARG B 534 -0.69 23.73 -37.84
CA ARG B 534 -0.30 24.75 -36.88
C ARG B 534 0.22 24.06 -35.62
N VAL B 535 0.92 24.83 -34.80
CA VAL B 535 1.56 24.34 -33.58
C VAL B 535 1.19 25.24 -32.42
N LEU B 536 0.89 24.63 -31.28
CA LEU B 536 0.62 25.32 -30.02
C LEU B 536 1.77 24.97 -29.08
N PHE B 537 2.84 25.75 -29.13
CA PHE B 537 3.98 25.51 -28.25
C PHE B 537 3.57 25.80 -26.81
N VAL B 538 3.73 24.79 -25.95
CA VAL B 538 3.32 24.86 -24.55
C VAL B 538 4.56 24.98 -23.69
N GLU B 539 4.46 25.80 -22.64
CA GLU B 539 5.55 25.93 -21.66
C GLU B 539 4.91 26.23 -20.31
N ALA B 540 5.00 25.27 -19.38
CA ALA B 540 4.40 25.40 -18.06
C ALA B 540 2.90 25.64 -18.13
N GLY B 541 2.25 25.03 -19.14
CA GLY B 541 0.82 25.20 -19.35
C GLY B 541 0.43 26.42 -20.15
N ARG B 542 1.35 27.35 -20.39
CA ARG B 542 1.08 28.55 -21.16
C ARG B 542 1.43 28.31 -22.61
N VAL B 543 0.49 28.58 -23.51
CA VAL B 543 0.71 28.46 -24.95
C VAL B 543 1.54 29.67 -25.36
N VAL B 544 2.86 29.49 -25.43
CA VAL B 544 3.75 30.62 -25.70
C VAL B 544 3.80 30.98 -27.18
N GLU B 545 3.44 30.05 -28.07
CA GLU B 545 3.43 30.30 -29.51
C GLU B 545 2.16 29.72 -30.12
N ASP B 546 1.70 30.35 -31.20
CA ASP B 546 0.51 29.88 -31.90
C ASP B 546 0.61 30.36 -33.35
N GLY B 547 0.86 29.44 -34.26
CA GLY B 547 1.01 29.80 -35.67
C GLY B 547 1.21 28.56 -36.51
N ALA B 548 1.40 28.80 -37.80
CA ALA B 548 1.57 27.72 -38.76
C ALA B 548 2.92 27.04 -38.55
N ILE B 549 3.07 25.87 -39.19
CA ILE B 549 4.35 25.15 -39.14
C ILE B 549 5.44 25.99 -39.78
N ASP B 550 5.24 26.38 -41.03
CA ASP B 550 6.23 27.18 -41.75
C ASP B 550 6.41 28.55 -41.10
N GLU B 551 5.31 29.13 -40.61
CA GLU B 551 5.38 30.46 -40.00
C GLU B 551 6.28 30.46 -38.78
N LEU B 552 6.13 29.46 -37.91
CA LEU B 552 6.93 29.41 -36.69
C LEU B 552 8.34 28.91 -36.97
N LEU B 553 8.51 27.97 -37.90
CA LEU B 553 9.84 27.44 -38.17
C LEU B 553 10.71 28.46 -38.88
N ALA B 554 10.16 29.17 -39.87
CA ALA B 554 10.95 30.15 -40.60
C ALA B 554 11.19 31.43 -39.79
N ALA B 555 10.31 31.74 -38.85
CA ALA B 555 10.46 32.95 -38.04
C ALA B 555 11.55 32.84 -36.99
N GLY B 556 12.14 31.66 -36.81
CA GLY B 556 13.16 31.49 -35.79
C GLY B 556 12.63 31.61 -34.37
N GLY B 557 11.43 31.09 -34.13
CA GLY B 557 10.84 31.11 -32.81
C GLY B 557 11.30 29.94 -31.96
N ARG B 558 10.55 29.71 -30.87
CA ARG B 558 10.87 28.61 -29.97
C ARG B 558 10.71 27.27 -30.69
N PHE B 559 9.67 27.14 -31.52
CA PHE B 559 9.47 25.89 -32.25
C PHE B 559 10.61 25.63 -33.23
N ALA B 560 11.14 26.68 -33.84
CA ALA B 560 12.28 26.52 -34.76
C ALA B 560 13.50 25.97 -34.01
N GLN B 561 13.79 26.54 -32.84
CA GLN B 561 14.93 26.06 -32.06
C GLN B 561 14.70 24.63 -31.59
N PHE B 562 13.46 24.31 -31.19
CA PHE B 562 13.14 22.95 -30.77
C PHE B 562 13.35 21.96 -31.91
N TRP B 563 12.87 22.31 -33.11
CA TRP B 563 13.05 21.42 -34.26
C TRP B 563 14.53 21.26 -34.60
N ALA B 564 15.29 22.36 -34.55
CA ALA B 564 16.71 22.27 -34.83
C ALA B 564 17.43 21.37 -33.84
N GLN B 565 17.11 21.51 -32.55
CA GLN B 565 17.73 20.68 -31.53
C GLN B 565 17.38 19.21 -31.74
N GLN B 566 16.11 18.91 -32.00
CA GLN B 566 15.70 17.53 -32.21
C GLN B 566 16.37 16.93 -33.44
N GLN B 567 16.43 17.68 -34.54
CA GLN B 567 17.05 17.17 -35.75
C GLN B 567 18.54 16.94 -35.56
N ALA B 568 19.23 17.87 -34.88
CA ALA B 568 20.65 17.68 -34.63
C ALA B 568 20.89 16.48 -33.73
N ALA B 569 20.05 16.30 -32.71
CA ALA B 569 20.20 15.15 -31.82
C ALA B 569 19.99 13.84 -32.58
N SER B 570 18.98 13.80 -33.45
CA SER B 570 18.68 12.56 -34.18
C SER B 570 19.79 12.17 -35.14
N GLU B 571 20.57 13.15 -35.63
CA GLU B 571 21.60 12.88 -36.62
C GLU B 571 22.88 12.31 -36.02
N TRP B 572 23.03 12.31 -34.70
CA TRP B 572 24.29 11.90 -34.09
C TRP B 572 24.51 10.40 -34.22
N ALA B 573 25.78 10.01 -34.32
CA ALA B 573 26.21 8.63 -34.22
C ALA B 573 27.38 8.55 -33.24
N ILE B 574 27.51 7.40 -32.59
CA ILE B 574 28.48 7.20 -31.51
C ILE B 574 29.80 6.77 -32.11
N GLY B 575 30.89 7.26 -31.51
CA GLY B 575 32.24 6.98 -31.96
C GLY B 575 32.94 8.17 -32.60
N SER B 576 32.19 9.17 -33.02
CA SER B 576 32.75 10.41 -33.55
C SER B 576 31.64 11.46 -33.58
N THR B 577 31.93 12.61 -34.16
CA THR B 577 30.95 13.69 -34.26
C THR B 577 29.99 13.45 -35.42
PB ADP C . 17.06 -5.52 -21.45
O1B ADP C . 16.56 -5.38 -22.87
O2B ADP C . 18.41 -4.89 -21.22
O3B ADP C . 16.04 -5.19 -20.39
PA ADP C . 17.75 -7.64 -19.81
O1A ADP C . 19.11 -7.08 -19.47
O2A ADP C . 16.58 -7.38 -18.90
O3A ADP C . 17.33 -7.09 -21.26
O5' ADP C . 17.88 -9.22 -20.03
C5' ADP C . 16.70 -10.03 -20.05
C4' ADP C . 16.52 -10.77 -18.72
O4' ADP C . 17.18 -10.37 -17.52
C3' ADP C . 15.31 -11.66 -18.44
O3' ADP C . 15.60 -13.03 -18.75
C2' ADP C . 15.11 -11.45 -16.95
O2' ADP C . 14.91 -12.70 -16.28
C1' ADP C . 16.37 -10.75 -16.41
N9 ADP C . 16.02 -9.54 -15.61
C8 ADP C . 16.53 -8.31 -15.82
N7 ADP C . 16.03 -7.42 -14.93
C5 ADP C . 15.19 -8.09 -14.12
C6 ADP C . 14.33 -7.74 -12.97
N6 ADP C . 14.29 -6.47 -12.50
N1 ADP C . 13.61 -8.72 -12.40
C2 ADP C . 13.65 -9.99 -12.86
N3 ADP C . 14.41 -10.37 -13.90
C4 ADP C . 15.20 -9.49 -14.56
H5'1 ADP C . 15.84 -9.41 -20.27
H5'2 ADP C . 16.79 -10.77 -20.86
H4' ADP C . 15.82 -9.94 -18.52
H3' ADP C . 14.45 -11.30 -18.99
HO3' ADP C . 14.78 -13.55 -18.69
H2' ADP C . 14.23 -10.81 -16.82
HO2' ADP C . 14.04 -13.06 -16.53
H1' ADP C . 16.91 -11.47 -15.78
H8 ADP C . 17.24 -8.06 -16.60
HN61 ADP C . 14.84 -5.75 -12.93
HN62 ADP C . 13.69 -6.24 -11.71
H2 ADP C . 13.04 -10.75 -12.36
PB ADP D . 3.13 15.22 -20.51
O1B ADP D . 4.07 15.79 -19.47
O2B ADP D . 3.23 15.89 -21.86
O3B ADP D . 3.11 13.72 -20.56
PA ADP D . 1.25 17.16 -19.82
O1A ADP D . -0.04 17.39 -20.57
O2A ADP D . 2.46 17.99 -20.19
O3A ADP D . 1.66 15.61 -20.00
O5' ADP D . 0.94 17.34 -18.26
C5' ADP D . 1.83 16.83 -17.28
C4' ADP D . 1.66 17.58 -15.95
O4' ADP D . 0.35 17.34 -15.42
C3' ADP D . 2.68 17.10 -14.93
O3' ADP D . 3.41 18.21 -14.40
C2' ADP D . 1.86 16.41 -13.85
O2' ADP D . 2.31 16.78 -12.54
C1' ADP D . 0.42 16.86 -14.08
N9 ADP D . -0.56 15.76 -13.92
C8 ADP D . -1.64 15.58 -14.71
N7 ADP D . -2.36 14.50 -14.30
C5 ADP D . -1.74 13.97 -13.23
C6 ADP D . -1.98 12.84 -12.32
N6 ADP D . -3.04 12.01 -12.49
N1 ADP D . -1.10 12.65 -11.31
C2 ADP D . -0.03 13.45 -11.13
N3 ADP D . 0.23 14.49 -11.92
C4 ADP D . -0.58 14.81 -12.97
H5'1 ADP D . 2.85 16.94 -17.62
H5'2 ADP D . 1.63 15.77 -17.12
H4' ADP D . 1.81 18.65 -16.13
H3' ADP D . 3.36 16.37 -15.40
HO3' ADP D . 4.16 17.89 -13.89
H2' ADP D . 1.96 15.33 -14.00
HO2' ADP D . 3.19 16.39 -12.38
H1' ADP D . 0.19 17.67 -13.37
H8 ADP D . -1.89 16.19 -15.56
HN61 ADP D . -3.70 12.18 -13.25
HN62 ADP D . -3.19 11.23 -11.85
H2 ADP D . 0.64 13.23 -10.30
#